data_5ZTB
#
_entry.id   5ZTB
#
_cell.length_a   165.622
_cell.length_b   82.770
_cell.length_c   138.495
_cell.angle_alpha   90.00
_cell.angle_beta   115.86
_cell.angle_gamma   90.00
#
_symmetry.space_group_name_H-M   'C 1 2 1'
#
loop_
_entity.id
_entity.type
_entity.pdbx_description
1 polymer 'Sulfur carrier protein TtuB'
2 polymer 'tRNA-5-methyluridine(54) 2-sulfurtransferase'
3 non-polymer GLYCEROL
4 non-polymer 'IRON/SULFUR CLUSTER'
5 non-polymer 'ZINC ION'
6 non-polymer "ADENOSINE-5'-TRIPHOSPHATE"
7 non-polymer 'SULFATE ION'
8 water water
#
loop_
_entity_poly.entity_id
_entity_poly.type
_entity_poly.pdbx_seq_one_letter_code
_entity_poly.pdbx_strand_id
1 'polypeptide(L)' MGSSHHHHHHRVVLRLPERKEVEVKGNRPLREVLEELGLNPETVVAVRGEELLTLEDEVREEDTLEVLSAISGG E,D,F
2 'polypeptide(L)'
;MVCKVCGQKAQVEMRSRGLALCREHYLDWFVKETERAIRRHRMLLPGERVLVAVSGGKDSLALWDVLSRLGYQAVGLHIE
LGIGEYSKRSLEVTQAFARERGLELLVVDLKEAYGFGVPELARLSGRVACSACGLSKRYIINQVAVEEGFRVVATGHNLD
DEAAVLFGNLLNPQEETLSRQGPVLPEKPGLAARVKPFYRFSEREVLSYTLLRGIRYLHEECPNAKGAKSLLYKEALNLV
ERSMPGAKLRFLDGFLEKIRPRLDVGEEVALRECERCGYPTTGAVCAFCRMWDAVYRRAKKRKLLPEEVSFRPRVKPLRA
G
;
B,A,C
#
# COMPACT_ATOMS: atom_id res chain seq x y z
N HIS A 10 -18.46 41.95 2.90
CA HIS A 10 -18.36 42.52 1.58
C HIS A 10 -16.99 42.24 0.98
N ARG A 11 -15.98 42.75 1.66
CA ARG A 11 -14.59 42.45 1.38
C ARG A 11 -14.14 41.23 2.18
N VAL A 12 -13.70 40.18 1.48
CA VAL A 12 -13.31 38.96 2.15
C VAL A 12 -11.87 38.60 1.83
N VAL A 13 -11.01 38.62 2.84
CA VAL A 13 -9.61 38.24 2.66
C VAL A 13 -9.42 36.75 2.86
N LEU A 14 -8.82 36.09 1.88
CA LEU A 14 -8.68 34.64 1.93
C LEU A 14 -7.30 34.21 2.40
N ARG A 15 -7.24 33.02 2.99
CA ARG A 15 -6.02 32.48 3.54
C ARG A 15 -5.83 31.05 3.06
N LEU A 16 -4.60 30.55 2.94
CA LEU A 16 -3.38 31.30 3.23
C LEU A 16 -2.91 32.26 2.14
N PRO A 17 -2.04 33.16 2.58
CA PRO A 17 -1.35 34.18 1.79
C PRO A 17 0.07 33.78 1.37
N GLU A 18 0.27 33.49 0.08
CA GLU A 18 -0.74 33.01 -0.87
C GLU A 18 -1.99 33.88 -0.95
N ARG A 19 -1.80 35.19 -0.95
CA ARG A 19 -2.90 36.11 -0.73
C ARG A 19 -3.97 35.99 -1.80
N LYS A 20 -5.23 36.05 -1.36
CA LYS A 20 -6.37 36.00 -2.27
C LYS A 20 -7.47 36.88 -1.69
N GLU A 21 -8.08 37.71 -2.53
CA GLU A 21 -9.13 38.60 -2.06
C GLU A 21 -10.31 38.64 -3.02
N VAL A 22 -11.49 38.31 -2.51
CA VAL A 22 -12.70 38.39 -3.30
C VAL A 22 -13.73 39.26 -2.59
N GLU A 23 -14.88 39.45 -3.23
CA GLU A 23 -15.95 40.24 -2.63
C GLU A 23 -17.32 39.68 -2.97
N VAL A 24 -18.21 39.69 -1.99
CA VAL A 24 -19.55 39.14 -2.14
C VAL A 24 -20.59 40.09 -1.53
N LYS A 25 -21.86 39.83 -1.80
CA LYS A 25 -22.94 40.65 -1.27
C LYS A 25 -23.23 40.30 0.19
N GLY A 26 -23.70 41.29 0.94
CA GLY A 26 -23.91 41.16 2.37
C GLY A 26 -25.34 40.87 2.80
N ASN A 27 -25.69 41.35 3.99
CA ASN A 27 -26.99 41.16 4.63
C ASN A 27 -27.51 39.71 4.55
N ARG A 28 -26.61 38.75 4.75
CA ARG A 28 -26.97 37.34 4.79
C ARG A 28 -26.08 36.59 5.79
N PRO A 29 -26.55 35.45 6.30
CA PRO A 29 -25.76 34.67 7.26
C PRO A 29 -24.41 34.23 6.70
N LEU A 30 -23.42 34.04 7.58
CA LEU A 30 -22.11 33.57 7.18
C LEU A 30 -22.22 32.22 6.46
N ARG A 31 -23.17 31.41 6.91
CA ARG A 31 -23.42 30.10 6.30
C ARG A 31 -23.62 30.21 4.79
N GLU A 32 -24.25 31.30 4.38
CA GLU A 32 -24.61 31.50 2.99
C GLU A 32 -23.41 31.96 2.15
N VAL A 33 -22.61 32.88 2.67
CA VAL A 33 -21.46 33.39 1.94
C VAL A 33 -20.35 32.34 1.82
N LEU A 34 -20.25 31.45 2.81
CA LEU A 34 -19.26 30.37 2.74
C LEU A 34 -19.62 29.37 1.66
N GLU A 35 -20.91 29.09 1.55
CA GLU A 35 -21.40 28.15 0.55
C GLU A 35 -21.17 28.68 -0.86
N GLU A 36 -21.29 30.00 -1.02
CA GLU A 36 -21.01 30.64 -2.29
C GLU A 36 -19.53 30.49 -2.68
N LEU A 37 -18.66 30.60 -1.69
CA LEU A 37 -17.23 30.47 -1.92
C LEU A 37 -16.79 29.02 -1.96
N GLY A 38 -17.74 28.11 -1.74
CA GLY A 38 -17.47 26.68 -1.76
C GLY A 38 -16.55 26.24 -0.63
N LEU A 39 -16.67 26.90 0.52
CA LEU A 39 -15.82 26.59 1.68
C LEU A 39 -16.57 25.73 2.71
N ASN A 40 -15.94 24.63 3.11
CA ASN A 40 -16.47 23.77 4.15
C ASN A 40 -16.31 24.43 5.53
N PRO A 41 -17.43 24.73 6.20
CA PRO A 41 -17.42 25.39 7.53
C PRO A 41 -16.54 24.68 8.55
N GLU A 42 -16.41 23.37 8.44
CA GLU A 42 -15.55 22.60 9.34
C GLU A 42 -14.07 22.97 9.18
N THR A 43 -13.69 23.43 8.00
CA THR A 43 -12.29 23.62 7.66
C THR A 43 -11.78 25.07 7.74
N VAL A 44 -12.66 26.01 8.09
CA VAL A 44 -12.25 27.41 8.15
C VAL A 44 -12.80 28.11 9.39
N VAL A 45 -12.17 29.23 9.73
CA VAL A 45 -12.67 30.14 10.75
C VAL A 45 -12.75 31.53 10.15
N ALA A 46 -13.93 32.16 10.27
CA ALA A 46 -14.10 33.53 9.77
C ALA A 46 -13.98 34.54 10.91
N VAL A 47 -13.20 35.58 10.69
CA VAL A 47 -12.94 36.57 11.72
C VAL A 47 -13.30 37.98 11.26
N ARG A 48 -14.12 38.67 12.05
CA ARG A 48 -14.41 40.09 11.84
C ARG A 48 -13.81 40.88 12.99
N GLY A 49 -12.74 41.62 12.72
CA GLY A 49 -12.02 42.30 13.78
C GLY A 49 -11.35 41.30 14.70
N GLU A 50 -11.64 41.39 15.99
CA GLU A 50 -11.12 40.42 16.95
C GLU A 50 -12.14 39.32 17.27
N GLU A 51 -13.32 39.44 16.66
CA GLU A 51 -14.43 38.54 16.94
C GLU A 51 -14.55 37.41 15.93
N LEU A 52 -14.63 36.17 16.41
CA LEU A 52 -14.91 35.04 15.54
C LEU A 52 -16.39 34.99 15.23
N LEU A 53 -16.74 34.61 14.01
CA LEU A 53 -18.13 34.53 13.60
C LEU A 53 -18.57 33.07 13.54
N THR A 54 -19.83 32.82 13.89
CA THR A 54 -20.40 31.50 13.74
C THR A 54 -21.29 31.49 12.49
N LEU A 55 -21.80 30.33 12.12
CA LEU A 55 -22.56 30.18 10.90
C LEU A 55 -23.82 31.04 10.86
N GLU A 56 -24.46 31.19 12.02
CA GLU A 56 -25.69 31.94 12.13
C GLU A 56 -25.46 33.46 12.14
N ASP A 57 -24.23 33.87 12.45
CA ASP A 57 -23.91 35.30 12.54
C ASP A 57 -24.13 36.02 11.21
N GLU A 58 -24.57 37.26 11.31
CA GLU A 58 -24.91 38.05 10.13
C GLU A 58 -23.69 38.84 9.64
N VAL A 59 -23.42 38.77 8.35
CA VAL A 59 -22.38 39.60 7.75
C VAL A 59 -23.06 40.81 7.08
N ARG A 60 -22.43 41.97 7.19
CA ARG A 60 -23.01 43.21 6.67
C ARG A 60 -22.54 43.48 5.24
N GLU A 61 -23.06 44.57 4.66
CA GLU A 61 -22.62 45.03 3.35
C GLU A 61 -21.38 45.91 3.47
N GLU A 62 -21.12 46.41 4.68
CA GLU A 62 -19.88 47.15 4.96
C GLU A 62 -18.82 46.30 5.69
N ASP A 63 -19.13 45.04 5.93
CA ASP A 63 -18.22 44.18 6.71
C ASP A 63 -16.92 43.84 5.98
N THR A 64 -15.86 43.69 6.77
CA THR A 64 -14.59 43.18 6.26
C THR A 64 -14.22 41.92 7.02
N LEU A 65 -14.19 40.79 6.32
CA LEU A 65 -13.92 39.51 6.96
C LEU A 65 -12.58 38.92 6.56
N GLU A 66 -11.98 38.19 7.49
CA GLU A 66 -10.82 37.37 7.19
C GLU A 66 -11.18 35.91 7.45
N VAL A 67 -11.16 35.10 6.39
CA VAL A 67 -11.42 33.68 6.52
C VAL A 67 -10.10 32.93 6.57
N LEU A 68 -9.85 32.24 7.67
CA LEU A 68 -8.59 31.55 7.88
C LEU A 68 -8.76 30.04 7.80
N SER A 69 -7.90 29.39 7.03
CA SER A 69 -7.95 27.95 6.87
C SER A 69 -7.53 27.23 8.15
N ALA A 70 -8.36 26.33 8.62
CA ALA A 70 -8.02 25.50 9.77
C ALA A 70 -7.14 24.34 9.33
N ILE A 71 -7.10 24.09 8.03
CA ILE A 71 -6.47 22.88 7.50
C ILE A 71 -4.96 22.99 7.43
N SER A 72 -4.28 22.10 8.12
CA SER A 72 -2.83 22.03 8.08
C SER A 72 -2.40 21.06 6.99
N GLY A 73 -1.45 21.49 6.17
CA GLY A 73 -0.96 20.66 5.09
C GLY A 73 -0.05 19.55 5.63
N GLY A 74 0.42 19.75 6.85
CA GLY A 74 1.30 18.79 7.48
C GLY A 74 2.71 18.85 6.94
N VAL B 2 -26.17 30.52 21.53
CA VAL B 2 -25.57 31.29 22.63
C VAL B 2 -24.62 30.42 23.43
N CYS B 3 -23.81 31.05 24.28
CA CYS B 3 -22.89 30.33 25.15
C CYS B 3 -23.65 29.46 26.14
N LYS B 4 -23.28 28.19 26.22
CA LYS B 4 -23.92 27.24 27.12
C LYS B 4 -23.74 27.65 28.59
N VAL B 5 -22.60 28.27 28.89
CA VAL B 5 -22.28 28.62 30.27
C VAL B 5 -22.99 29.91 30.72
N CYS B 6 -22.70 31.03 30.06
CA CYS B 6 -23.25 32.31 30.48
C CYS B 6 -24.45 32.85 29.68
N GLY B 7 -24.83 32.18 28.60
CA GLY B 7 -25.96 32.64 27.81
C GLY B 7 -25.74 33.83 26.88
N GLN B 8 -24.53 34.39 26.87
CA GLN B 8 -24.21 35.47 25.94
C GLN B 8 -23.87 34.90 24.56
N LYS B 9 -23.59 35.79 23.61
CA LYS B 9 -23.32 35.40 22.23
C LYS B 9 -22.11 34.47 22.09
N ALA B 10 -22.27 33.40 21.35
CA ALA B 10 -21.21 32.41 21.20
C ALA B 10 -20.15 32.87 20.18
N GLN B 11 -18.88 32.68 20.53
CA GLN B 11 -17.78 32.84 19.57
C GLN B 11 -17.48 31.55 18.78
N VAL B 12 -17.71 30.40 19.42
CA VAL B 12 -17.44 29.10 18.81
C VAL B 12 -18.61 28.15 19.03
N GLU B 13 -19.25 27.71 17.95
CA GLU B 13 -20.30 26.70 18.05
C GLU B 13 -19.75 25.34 17.61
N MET B 14 -19.86 24.33 18.47
CA MET B 14 -19.46 22.99 18.06
C MET B 14 -20.65 22.04 18.05
N ARG B 15 -21.15 21.75 16.85
CA ARG B 15 -22.31 20.88 16.70
C ARG B 15 -21.95 19.44 16.99
N SER B 16 -20.67 19.11 16.83
CA SER B 16 -20.19 17.76 17.10
C SER B 16 -20.29 17.41 18.57
N ARG B 17 -20.10 18.43 19.42
CA ARG B 17 -20.15 18.26 20.87
C ARG B 17 -21.48 18.70 21.50
N GLY B 18 -22.38 19.23 20.68
CA GLY B 18 -23.61 19.85 21.19
C GLY B 18 -23.28 20.98 22.15
N LEU B 19 -22.30 21.81 21.78
CA LEU B 19 -21.77 22.82 22.67
C LEU B 19 -21.41 24.10 21.93
N ALA B 20 -21.81 25.24 22.50
CA ALA B 20 -21.43 26.55 21.98
C ALA B 20 -20.96 27.42 23.14
N LEU B 21 -19.92 28.21 22.92
CA LEU B 21 -19.30 28.99 23.98
C LEU B 21 -18.88 30.38 23.54
N CYS B 22 -18.86 31.32 24.47
CA CYS B 22 -18.30 32.64 24.20
C CYS B 22 -16.79 32.58 24.38
N ARG B 23 -16.11 33.71 24.15
CA ARG B 23 -14.65 33.72 24.19
C ARG B 23 -14.08 33.22 25.51
N GLU B 24 -14.48 33.86 26.60
CA GLU B 24 -13.98 33.54 27.93
C GLU B 24 -14.17 32.06 28.24
N HIS B 25 -15.37 31.58 28.01
CA HIS B 25 -15.72 30.23 28.40
C HIS B 25 -15.24 29.19 27.37
N TYR B 26 -14.96 29.60 26.14
CA TYR B 26 -14.30 28.68 25.22
C TYR B 26 -12.85 28.45 25.66
N LEU B 27 -12.19 29.53 26.06
CA LEU B 27 -10.80 29.45 26.51
C LEU B 27 -10.66 28.52 27.72
N ASP B 28 -11.55 28.67 28.69
CA ASP B 28 -11.54 27.81 29.88
C ASP B 28 -11.81 26.36 29.52
N TRP B 29 -12.82 26.14 28.69
CA TRP B 29 -13.18 24.79 28.28
C TRP B 29 -12.05 24.09 27.53
N PHE B 30 -11.38 24.83 26.64
CA PHE B 30 -10.30 24.23 25.85
C PHE B 30 -9.16 23.77 26.76
N VAL B 31 -8.76 24.64 27.68
CA VAL B 31 -7.71 24.30 28.63
C VAL B 31 -8.12 23.09 29.48
N LYS B 32 -9.36 23.10 29.95
CA LYS B 32 -9.86 22.01 30.80
C LYS B 32 -10.00 20.68 30.06
N GLU B 33 -10.40 20.74 28.79
CA GLU B 33 -10.49 19.53 27.97
C GLU B 33 -9.12 18.93 27.68
N THR B 34 -8.10 19.79 27.60
CA THR B 34 -6.74 19.30 27.42
C THR B 34 -6.27 18.62 28.69
N GLU B 35 -6.61 19.24 29.82
CA GLU B 35 -6.28 18.70 31.13
C GLU B 35 -6.95 17.34 31.31
N ARG B 36 -8.18 17.24 30.85
CA ARG B 36 -8.94 16.00 30.95
C ARG B 36 -8.36 14.92 30.04
N ALA B 37 -7.87 15.33 28.87
CA ALA B 37 -7.30 14.38 27.92
C ALA B 37 -6.01 13.81 28.48
N ILE B 38 -5.23 14.66 29.13
CA ILE B 38 -3.97 14.28 29.74
C ILE B 38 -4.18 13.31 30.90
N ARG B 39 -5.11 13.64 31.80
CA ARG B 39 -5.42 12.80 32.94
C ARG B 39 -5.91 11.42 32.53
N ARG B 40 -6.90 11.38 31.64
CA ARG B 40 -7.53 10.13 31.22
C ARG B 40 -6.53 9.09 30.72
N HIS B 41 -5.63 9.52 29.84
CA HIS B 41 -4.64 8.63 29.24
C HIS B 41 -3.30 8.66 29.97
N ARG B 42 -3.26 9.39 31.08
CA ARG B 42 -2.05 9.56 31.88
C ARG B 42 -0.85 9.93 31.02
N MET B 43 -0.93 11.08 30.37
CA MET B 43 0.12 11.51 29.44
C MET B 43 1.31 12.11 30.15
N LEU B 44 1.05 12.90 31.19
CA LEU B 44 2.09 13.65 31.86
C LEU B 44 1.95 13.56 33.38
N LEU B 45 3.06 13.77 34.07
CA LEU B 45 3.04 13.93 35.52
C LEU B 45 2.90 15.41 35.86
N PRO B 46 2.19 15.73 36.95
CA PRO B 46 2.00 17.14 37.34
C PRO B 46 3.32 17.88 37.53
N GLY B 47 3.44 19.05 36.92
CA GLY B 47 4.64 19.86 37.03
C GLY B 47 5.87 19.30 36.32
N GLU B 48 5.70 18.16 35.65
CA GLU B 48 6.83 17.48 35.00
C GLU B 48 7.47 18.30 33.88
N ARG B 49 8.77 18.11 33.67
CA ARG B 49 9.45 18.67 32.51
C ARG B 49 9.01 17.93 31.25
N VAL B 50 8.52 18.68 30.27
CA VAL B 50 8.06 18.08 29.04
C VAL B 50 8.67 18.81 27.84
N LEU B 51 9.14 18.05 26.86
CA LEU B 51 9.67 18.68 25.66
C LEU B 51 8.54 18.85 24.65
N VAL B 52 8.26 20.10 24.28
CA VAL B 52 7.20 20.40 23.32
C VAL B 52 7.80 20.67 21.95
N ALA B 53 7.49 19.83 20.97
CA ALA B 53 7.99 20.07 19.63
C ALA B 53 7.16 21.18 19.00
N VAL B 54 7.81 22.29 18.68
CA VAL B 54 7.10 23.49 18.25
C VAL B 54 7.55 23.96 16.88
N SER B 55 6.60 24.00 15.94
CA SER B 55 6.84 24.44 14.58
C SER B 55 6.59 25.92 14.31
N GLY B 56 5.88 26.59 15.22
CA GLY B 56 5.38 27.92 14.95
C GLY B 56 3.96 27.92 14.38
N GLY B 57 3.45 26.76 14.02
CA GLY B 57 2.07 26.64 13.55
C GLY B 57 1.05 26.78 14.67
N LYS B 58 -0.23 26.81 14.30
CA LYS B 58 -1.29 27.10 15.25
C LYS B 58 -1.39 26.05 16.36
N ASP B 59 -1.22 24.77 16.01
CA ASP B 59 -1.40 23.70 16.98
C ASP B 59 -0.29 23.67 18.02
N SER B 60 0.97 23.63 17.59
CA SER B 60 2.04 23.43 18.54
C SER B 60 2.24 24.67 19.42
N LEU B 61 1.93 25.86 18.92
CA LEU B 61 2.00 27.06 19.76
C LEU B 61 0.85 27.09 20.77
N ALA B 62 -0.33 26.68 20.34
CA ALA B 62 -1.45 26.54 21.25
C ALA B 62 -1.12 25.51 22.32
N LEU B 63 -0.44 24.43 21.92
CA LEU B 63 -0.07 23.38 22.87
C LEU B 63 0.93 23.90 23.91
N TRP B 64 1.92 24.64 23.45
CA TRP B 64 2.93 25.21 24.35
C TRP B 64 2.26 26.15 25.35
N ASP B 65 1.29 26.92 24.85
CA ASP B 65 0.53 27.83 25.68
C ASP B 65 -0.26 27.09 26.75
N VAL B 66 -0.99 26.05 26.35
CA VAL B 66 -1.85 25.32 27.26
C VAL B 66 -1.04 24.54 28.29
N LEU B 67 0.04 23.90 27.86
CA LEU B 67 0.84 23.10 28.77
C LEU B 67 1.53 23.99 29.81
N SER B 68 1.87 25.23 29.43
CA SER B 68 2.42 26.20 30.37
C SER B 68 1.38 26.62 31.40
N ARG B 69 0.16 26.89 30.93
CA ARG B 69 -0.94 27.30 31.80
C ARG B 69 -1.33 26.18 32.76
N LEU B 70 -1.09 24.93 32.35
CA LEU B 70 -1.47 23.78 33.15
C LEU B 70 -0.40 23.41 34.17
N GLY B 71 0.66 24.19 34.22
CA GLY B 71 1.67 24.05 35.26
C GLY B 71 2.81 23.09 34.95
N TYR B 72 2.80 22.50 33.75
CA TYR B 72 3.90 21.64 33.35
C TYR B 72 5.13 22.47 33.06
N GLN B 73 6.31 21.86 33.12
CA GLN B 73 7.51 22.60 32.81
C GLN B 73 7.81 22.35 31.34
N ALA B 74 7.47 23.33 30.51
CA ALA B 74 7.35 23.08 29.09
C ALA B 74 8.42 23.83 28.32
N VAL B 75 9.39 23.06 27.84
CA VAL B 75 10.49 23.60 27.06
C VAL B 75 10.21 23.29 25.59
N GLY B 76 10.33 24.30 24.74
CA GLY B 76 10.08 24.11 23.33
C GLY B 76 11.31 23.64 22.57
N LEU B 77 11.07 22.82 21.56
CA LEU B 77 12.12 22.48 20.60
C LEU B 77 11.67 22.86 19.20
N HIS B 78 12.41 23.76 18.57
CA HIS B 78 12.19 24.06 17.16
C HIS B 78 13.32 23.52 16.30
N ILE B 79 12.95 22.83 15.24
CA ILE B 79 13.91 22.36 14.27
C ILE B 79 13.83 23.21 13.01
N GLU B 80 14.93 23.83 12.62
CA GLU B 80 14.94 24.65 11.41
C GLU B 80 15.25 23.71 10.25
N LEU B 81 14.24 23.46 9.43
CA LEU B 81 14.30 22.38 8.45
C LEU B 81 14.95 22.84 7.15
N GLY B 82 15.20 24.14 7.05
CA GLY B 82 15.90 24.70 5.91
C GLY B 82 15.05 24.80 4.66
N ILE B 83 13.73 24.83 4.82
CA ILE B 83 12.90 24.99 3.65
C ILE B 83 12.59 26.47 3.43
N GLY B 84 13.41 27.11 2.59
CA GLY B 84 13.17 28.48 2.18
C GLY B 84 12.78 29.47 3.27
N GLU B 85 11.90 30.39 2.87
CA GLU B 85 11.40 31.44 3.75
C GLU B 85 10.40 30.88 4.76
N TYR B 86 9.78 29.75 4.41
CA TYR B 86 8.84 29.09 5.31
C TYR B 86 9.53 28.71 6.61
N SER B 87 10.69 28.08 6.51
CA SER B 87 11.45 27.68 7.70
C SER B 87 11.99 28.90 8.46
N LYS B 88 12.43 29.91 7.72
CA LYS B 88 12.92 31.14 8.34
C LYS B 88 11.82 31.81 9.16
N ARG B 89 10.63 31.90 8.60
CA ARG B 89 9.50 32.51 9.32
C ARG B 89 9.02 31.63 10.48
N SER B 90 9.10 30.31 10.31
CA SER B 90 8.71 29.38 11.37
C SER B 90 9.57 29.60 12.60
N LEU B 91 10.87 29.76 12.39
CA LEU B 91 11.80 30.02 13.49
C LEU B 91 11.51 31.36 14.16
N GLU B 92 11.38 32.42 13.36
CA GLU B 92 11.11 33.77 13.88
C GLU B 92 9.84 33.83 14.73
N VAL B 93 8.75 33.30 14.19
CA VAL B 93 7.47 33.24 14.90
C VAL B 93 7.61 32.46 16.22
N THR B 94 8.36 31.37 16.21
CA THR B 94 8.52 30.54 17.40
C THR B 94 9.38 31.22 18.45
N GLN B 95 10.46 31.87 18.01
CA GLN B 95 11.31 32.65 18.90
C GLN B 95 10.53 33.79 19.53
N ALA B 96 9.72 34.46 18.72
CA ALA B 96 8.90 35.57 19.20
C ALA B 96 7.94 35.09 20.28
N PHE B 97 7.31 33.95 20.06
CA PHE B 97 6.39 33.36 21.04
C PHE B 97 7.10 33.08 22.35
N ALA B 98 8.27 32.46 22.26
CA ALA B 98 9.05 32.12 23.44
C ALA B 98 9.49 33.37 24.19
N ARG B 99 9.94 34.37 23.44
CA ARG B 99 10.44 35.62 24.02
C ARG B 99 9.38 36.34 24.82
N GLU B 100 8.20 36.52 24.22
CA GLU B 100 7.10 37.24 24.84
C GLU B 100 6.64 36.57 26.13
N ARG B 101 6.68 35.24 26.16
CA ARG B 101 6.19 34.49 27.32
C ARG B 101 7.29 34.06 28.27
N GLY B 102 8.52 34.44 27.96
CA GLY B 102 9.66 34.08 28.78
C GLY B 102 9.89 32.58 28.89
N LEU B 103 9.67 31.86 27.79
CA LEU B 103 9.79 30.41 27.79
C LEU B 103 11.12 29.97 27.18
N GLU B 104 11.66 28.85 27.66
CA GLU B 104 12.89 28.31 27.12
C GLU B 104 12.67 27.62 25.78
N LEU B 105 13.40 28.06 24.75
CA LEU B 105 13.32 27.47 23.42
C LEU B 105 14.66 26.87 23.00
N LEU B 106 14.67 25.57 22.73
CA LEU B 106 15.85 24.91 22.16
C LEU B 106 15.73 24.87 20.65
N VAL B 107 16.85 25.08 19.95
CA VAL B 107 16.83 25.10 18.49
C VAL B 107 17.89 24.15 17.89
N VAL B 108 17.46 23.33 16.93
CA VAL B 108 18.40 22.56 16.12
C VAL B 108 18.27 23.00 14.67
N ASP B 109 19.37 23.47 14.09
CA ASP B 109 19.36 23.90 12.70
C ASP B 109 19.90 22.76 11.82
N LEU B 110 19.03 22.19 10.99
CA LEU B 110 19.35 20.99 10.24
C LEU B 110 20.55 21.18 9.31
N LYS B 111 20.52 22.26 8.53
CA LYS B 111 21.62 22.54 7.60
C LYS B 111 22.92 22.81 8.35
N GLU B 112 22.84 23.58 9.42
CA GLU B 112 24.02 23.92 10.21
C GLU B 112 24.64 22.70 10.88
N ALA B 113 23.80 21.79 11.36
CA ALA B 113 24.29 20.61 12.06
C ALA B 113 24.81 19.53 11.11
N TYR B 114 24.01 19.16 10.13
CA TYR B 114 24.39 18.06 9.25
C TYR B 114 24.84 18.44 7.83
N GLY B 115 24.73 19.72 7.50
CA GLY B 115 25.18 20.20 6.20
C GLY B 115 24.10 20.40 5.16
N PHE B 116 22.95 19.77 5.34
CA PHE B 116 21.90 19.77 4.33
C PHE B 116 20.52 19.89 4.96
N GLY B 117 19.65 20.69 4.34
CA GLY B 117 18.29 20.84 4.82
C GLY B 117 17.35 19.95 4.05
N VAL B 118 16.06 20.04 4.37
CA VAL B 118 15.06 19.23 3.69
C VAL B 118 15.08 19.35 2.14
N PRO B 119 15.27 20.56 1.58
CA PRO B 119 15.32 20.61 0.12
C PRO B 119 16.46 19.79 -0.48
N GLU B 120 17.63 19.87 0.14
CA GLU B 120 18.78 19.11 -0.34
C GLU B 120 18.55 17.60 -0.12
N LEU B 121 17.91 17.25 0.99
CA LEU B 121 17.59 15.86 1.28
C LEU B 121 16.68 15.26 0.21
N ALA B 122 15.77 16.07 -0.33
CA ALA B 122 14.85 15.60 -1.37
C ALA B 122 15.56 15.30 -2.69
N ARG B 123 16.83 15.69 -2.78
CA ARG B 123 17.67 15.39 -3.94
C ARG B 123 18.67 14.28 -3.60
N LEU B 124 19.43 14.50 -2.53
CA LEU B 124 20.57 13.66 -2.21
C LEU B 124 20.27 12.35 -1.45
N SER B 125 19.14 12.25 -0.77
CA SER B 125 18.91 11.12 0.13
C SER B 125 18.28 9.89 -0.52
N GLY B 126 17.69 10.08 -1.70
CA GLY B 126 16.94 8.99 -2.33
C GLY B 126 15.51 8.95 -1.83
N ARG B 127 15.15 9.90 -0.98
CA ARG B 127 13.79 10.02 -0.45
C ARG B 127 13.15 11.30 -0.93
N VAL B 128 11.82 11.33 -0.98
CA VAL B 128 11.09 12.57 -1.28
C VAL B 128 11.17 13.49 -0.07
N ALA B 129 10.89 14.77 -0.26
CA ALA B 129 11.05 15.78 0.78
C ALA B 129 10.40 15.38 2.11
N CYS B 130 9.11 15.09 2.07
CA CYS B 130 8.36 14.78 3.29
C CYS B 130 8.88 13.54 4.02
N SER B 131 9.37 12.56 3.26
CA SER B 131 9.91 11.36 3.87
C SER B 131 11.20 11.68 4.64
N ALA B 132 12.12 12.37 3.99
CA ALA B 132 13.34 12.80 4.65
C ALA B 132 13.02 13.72 5.83
N CYS B 133 12.05 14.61 5.65
CA CYS B 133 11.74 15.56 6.72
C CYS B 133 11.16 14.86 7.93
N GLY B 134 10.18 13.99 7.71
CA GLY B 134 9.57 13.27 8.82
C GLY B 134 10.59 12.52 9.67
N LEU B 135 11.47 11.79 8.99
CA LEU B 135 12.53 11.04 9.67
C LEU B 135 13.47 11.95 10.47
N SER B 136 13.91 13.05 9.85
CA SER B 136 14.78 14.01 10.53
C SER B 136 14.12 14.57 11.79
N LYS B 137 12.87 15.03 11.65
CA LYS B 137 12.13 15.57 12.79
C LYS B 137 12.05 14.58 13.94
N ARG B 138 11.53 13.38 13.67
CA ARG B 138 11.30 12.40 14.71
C ARG B 138 12.58 12.02 15.43
N TYR B 139 13.65 11.82 14.69
CA TYR B 139 14.93 11.42 15.29
C TYR B 139 15.50 12.52 16.16
N ILE B 140 15.54 13.74 15.62
CA ILE B 140 16.18 14.86 16.32
C ILE B 140 15.38 15.25 17.54
N ILE B 141 14.05 15.22 17.44
CA ILE B 141 13.20 15.51 18.57
C ILE B 141 13.48 14.52 19.70
N ASN B 142 13.53 13.23 19.36
CA ASN B 142 13.83 12.20 20.35
C ASN B 142 15.24 12.34 20.91
N GLN B 143 16.18 12.73 20.05
CA GLN B 143 17.57 12.86 20.47
C GLN B 143 17.73 13.96 21.51
N VAL B 144 17.19 15.14 21.21
CA VAL B 144 17.22 16.26 22.15
C VAL B 144 16.57 15.88 23.48
N ALA B 145 15.50 15.09 23.41
CA ALA B 145 14.77 14.68 24.62
C ALA B 145 15.62 13.78 25.50
N VAL B 146 16.21 12.75 24.89
CA VAL B 146 17.10 11.85 25.63
C VAL B 146 18.32 12.61 26.18
N GLU B 147 18.96 13.40 25.34
CA GLU B 147 20.14 14.17 25.74
C GLU B 147 19.88 15.14 26.88
N GLU B 148 18.71 15.79 26.87
CA GLU B 148 18.39 16.78 27.88
C GLU B 148 17.58 16.20 29.03
N GLY B 149 17.38 14.88 28.99
CA GLY B 149 16.76 14.19 30.12
C GLY B 149 15.26 14.37 30.25
N PHE B 150 14.58 14.63 29.15
CA PHE B 150 13.11 14.68 29.16
C PHE B 150 12.53 13.28 29.08
N ARG B 151 11.59 12.97 29.97
CA ARG B 151 10.92 11.67 29.94
C ARG B 151 9.97 11.55 28.76
N VAL B 152 9.41 12.68 28.35
CA VAL B 152 8.26 12.69 27.46
C VAL B 152 8.31 13.85 26.47
N VAL B 153 7.82 13.62 25.25
CA VAL B 153 7.70 14.67 24.25
C VAL B 153 6.23 14.86 23.89
N ALA B 154 5.80 16.11 23.79
CA ALA B 154 4.45 16.42 23.33
C ALA B 154 4.48 17.10 21.97
N THR B 155 3.66 16.60 21.05
CA THR B 155 3.50 17.20 19.73
C THR B 155 2.06 17.68 19.55
N GLY B 156 1.85 18.62 18.64
CA GLY B 156 0.56 19.27 18.48
C GLY B 156 -0.44 18.60 17.54
N HIS B 157 -0.24 17.33 17.23
CA HIS B 157 -1.15 16.58 16.36
C HIS B 157 -2.59 16.65 16.85
N ASN B 158 -3.52 16.99 15.96
CA ASN B 158 -4.92 17.12 16.36
C ASN B 158 -5.79 16.03 15.74
N LEU B 159 -7.09 16.12 15.95
CA LEU B 159 -8.02 15.08 15.51
C LEU B 159 -7.97 14.87 14.01
N ASP B 160 -8.03 15.95 13.23
CA ASP B 160 -7.97 15.83 11.78
C ASP B 160 -6.68 15.12 11.34
N ASP B 161 -5.56 15.47 11.97
CA ASP B 161 -4.28 14.81 11.69
C ASP B 161 -4.36 13.31 11.94
N GLU B 162 -4.75 12.94 13.15
CA GLU B 162 -4.84 11.53 13.54
C GLU B 162 -5.90 10.74 12.77
N ALA B 163 -7.07 11.33 12.54
CA ALA B 163 -8.11 10.68 11.76
C ALA B 163 -7.64 10.44 10.33
N ALA B 164 -6.90 11.40 9.77
CA ALA B 164 -6.40 11.31 8.40
C ALA B 164 -5.38 10.17 8.26
N VAL B 165 -4.49 10.06 9.24
CA VAL B 165 -3.49 9.01 9.23
C VAL B 165 -4.16 7.64 9.28
N LEU B 166 -5.14 7.49 10.17
CA LEU B 166 -5.90 6.26 10.28
C LEU B 166 -6.61 5.93 8.96
N PHE B 167 -7.30 6.92 8.42
CA PHE B 167 -8.00 6.74 7.15
C PHE B 167 -7.03 6.33 6.04
N GLY B 168 -5.88 7.00 5.99
CA GLY B 168 -4.83 6.66 5.05
C GLY B 168 -4.34 5.24 5.18
N ASN B 169 -4.10 4.81 6.41
CA ASN B 169 -3.66 3.45 6.70
C ASN B 169 -4.68 2.39 6.31
N LEU B 170 -5.96 2.72 6.41
CA LEU B 170 -7.02 1.78 5.98
C LEU B 170 -7.11 1.72 4.46
N LEU B 171 -6.94 2.88 3.81
CA LEU B 171 -7.02 2.96 2.36
C LEU B 171 -5.80 2.32 1.68
N ASN B 172 -4.70 2.20 2.42
CA ASN B 172 -3.48 1.62 1.89
C ASN B 172 -2.79 0.72 2.91
N PRO B 173 -3.39 -0.45 3.21
CA PRO B 173 -2.88 -1.36 4.25
C PRO B 173 -1.44 -1.83 3.99
N THR B 177 2.07 1.26 10.15
CA THR B 177 0.92 0.36 10.19
C THR B 177 -0.15 0.87 11.16
N LEU B 178 -1.20 0.07 11.32
CA LEU B 178 -2.36 0.46 12.13
C LEU B 178 -2.07 0.47 13.62
N SER B 179 -1.49 -0.63 14.11
CA SER B 179 -1.29 -0.85 15.54
C SER B 179 -0.36 0.17 16.18
N ARG B 180 0.50 0.80 15.38
CA ARG B 180 1.48 1.74 15.90
C ARG B 180 0.87 3.09 16.26
N GLN B 181 -0.27 3.42 15.65
CA GLN B 181 -0.91 4.70 15.88
C GLN B 181 -1.55 4.80 17.25
N GLY B 182 -1.23 5.86 17.98
CA GLY B 182 -1.83 6.11 19.28
C GLY B 182 -1.52 7.47 19.86
N PRO B 183 -2.39 7.96 20.76
CA PRO B 183 -2.23 9.23 21.48
C PRO B 183 -1.12 9.20 22.53
N VAL B 184 -0.80 8.01 23.04
CA VAL B 184 0.26 7.87 24.03
C VAL B 184 1.16 6.69 23.66
N LEU B 185 2.43 6.98 23.38
CA LEU B 185 3.40 5.93 23.10
C LEU B 185 4.38 5.84 24.27
N PRO B 186 4.56 4.62 24.81
CA PRO B 186 5.38 4.40 26.01
C PRO B 186 6.86 4.68 25.78
N GLU B 187 7.50 5.21 26.81
CA GLU B 187 8.95 5.38 26.86
C GLU B 187 9.68 4.03 26.79
N LYS B 188 10.84 4.01 26.14
CA LYS B 188 11.69 2.82 26.06
C LYS B 188 13.14 3.24 26.28
N PRO B 189 14.09 2.28 26.31
CA PRO B 189 15.49 2.74 26.36
C PRO B 189 15.88 3.54 25.12
N GLY B 190 16.46 4.73 25.32
CA GLY B 190 16.83 5.60 24.23
C GLY B 190 15.64 6.23 23.51
N LEU B 191 14.43 6.01 24.02
CA LEU B 191 13.24 6.52 23.37
C LEU B 191 12.30 7.21 24.37
N ALA B 192 12.14 8.52 24.22
CA ALA B 192 11.28 9.28 25.10
C ALA B 192 9.81 8.93 24.84
N ALA B 193 8.98 9.12 25.85
CA ALA B 193 7.54 8.92 25.68
C ALA B 193 6.97 10.00 24.75
N ARG B 194 5.96 9.63 23.97
CA ARG B 194 5.37 10.54 23.00
C ARG B 194 3.87 10.70 23.26
N VAL B 195 3.44 11.93 23.50
CA VAL B 195 2.02 12.18 23.80
C VAL B 195 1.40 13.24 22.90
N LYS B 196 0.12 13.08 22.61
CA LYS B 196 -0.62 14.01 21.75
C LYS B 196 -1.87 14.54 22.45
N PRO B 197 -1.70 15.53 23.33
CA PRO B 197 -2.80 16.04 24.17
C PRO B 197 -3.95 16.66 23.36
N PHE B 198 -3.66 17.09 22.13
CA PHE B 198 -4.67 17.71 21.28
C PHE B 198 -5.38 16.73 20.34
N TYR B 199 -5.13 15.43 20.49
CA TYR B 199 -5.60 14.46 19.50
C TYR B 199 -7.14 14.35 19.39
N ARG B 200 -7.86 14.86 20.37
CA ARG B 200 -9.33 14.86 20.28
C ARG B 200 -9.93 16.19 19.81
N PHE B 201 -9.09 17.19 19.60
CA PHE B 201 -9.53 18.51 19.13
C PHE B 201 -9.48 18.60 17.60
N SER B 202 -10.56 19.06 16.98
CA SER B 202 -10.53 19.33 15.54
C SER B 202 -9.61 20.50 15.24
N GLU B 203 -9.15 20.62 13.99
CA GLU B 203 -8.28 21.72 13.60
C GLU B 203 -8.98 23.05 13.84
N ARG B 204 -10.26 23.10 13.46
CA ARG B 204 -11.06 24.30 13.63
C ARG B 204 -11.08 24.73 15.10
N GLU B 205 -11.20 23.77 15.99
CA GLU B 205 -11.26 24.07 17.43
C GLU B 205 -9.93 24.59 17.98
N VAL B 206 -8.81 23.95 17.60
CA VAL B 206 -7.50 24.44 18.01
C VAL B 206 -7.24 25.85 17.46
N LEU B 207 -7.60 26.07 16.20
CA LEU B 207 -7.40 27.38 15.59
C LEU B 207 -8.23 28.46 16.30
N SER B 208 -9.47 28.13 16.63
CA SER B 208 -10.32 29.04 17.39
C SER B 208 -9.65 29.42 18.71
N TYR B 209 -9.12 28.44 19.43
CA TYR B 209 -8.37 28.73 20.65
C TYR B 209 -7.22 29.70 20.38
N THR B 210 -6.41 29.38 19.37
CA THR B 210 -5.23 30.16 19.03
C THR B 210 -5.60 31.62 18.71
N LEU B 211 -6.69 31.80 17.96
CA LEU B 211 -7.17 33.13 17.61
C LEU B 211 -7.72 33.88 18.82
N LEU B 212 -8.52 33.19 19.63
CA LEU B 212 -9.13 33.81 20.79
C LEU B 212 -8.07 34.17 21.83
N ARG B 213 -7.00 33.38 21.90
CA ARG B 213 -5.86 33.69 22.77
C ARG B 213 -4.98 34.84 22.28
N GLY B 214 -5.13 35.21 21.02
CA GLY B 214 -4.28 36.24 20.45
C GLY B 214 -2.85 35.74 20.22
N ILE B 215 -2.71 34.44 20.01
CA ILE B 215 -1.42 33.84 19.73
C ILE B 215 -0.98 34.11 18.29
N ARG B 216 0.22 34.65 18.12
CA ARG B 216 0.74 34.90 16.77
C ARG B 216 1.41 33.64 16.26
N TYR B 217 0.80 33.03 15.25
CA TYR B 217 1.33 31.81 14.65
C TYR B 217 1.59 32.03 13.16
N LEU B 218 2.31 31.10 12.53
CA LEU B 218 2.60 31.24 11.11
C LEU B 218 1.43 30.72 10.29
N HIS B 219 0.83 31.60 9.49
CA HIS B 219 -0.33 31.21 8.71
C HIS B 219 0.08 30.33 7.54
N GLU B 220 1.20 30.70 6.91
CA GLU B 220 1.72 30.02 5.73
C GLU B 220 1.96 28.52 5.93
N GLU B 221 1.45 27.71 5.00
CA GLU B 221 1.75 26.27 4.94
C GLU B 221 3.08 26.00 4.25
N CYS B 222 3.69 24.85 4.50
CA CYS B 222 4.92 24.56 3.81
C CYS B 222 4.62 24.34 2.34
N PRO B 223 5.53 24.79 1.48
CA PRO B 223 5.29 24.67 0.04
C PRO B 223 5.27 23.22 -0.42
N ASN B 224 5.93 22.34 0.33
CA ASN B 224 5.94 20.92 0.01
C ASN B 224 4.64 20.22 0.34
N ALA B 225 3.75 20.91 1.06
CA ALA B 225 2.50 20.27 1.52
C ALA B 225 1.43 20.15 0.44
N LYS B 226 1.51 20.97 -0.61
CA LYS B 226 0.41 21.00 -1.56
C LYS B 226 0.33 19.69 -2.34
N GLY B 227 -0.88 19.17 -2.47
CA GLY B 227 -1.10 17.90 -3.13
C GLY B 227 -0.74 16.70 -2.28
N ALA B 228 -0.51 16.91 -0.99
CA ALA B 228 -0.27 15.79 -0.08
C ALA B 228 -1.52 14.94 0.06
N LYS B 229 -1.34 13.64 0.25
CA LYS B 229 -2.45 12.72 0.38
C LYS B 229 -3.25 13.00 1.66
N SER B 230 -2.55 13.44 2.71
CA SER B 230 -3.19 13.81 3.98
C SER B 230 -4.27 14.86 3.78
N LEU B 231 -4.07 15.77 2.82
CA LEU B 231 -5.07 16.78 2.53
C LEU B 231 -6.32 16.16 1.88
N LEU B 232 -6.10 15.13 1.07
CA LEU B 232 -7.19 14.42 0.42
C LEU B 232 -8.03 13.67 1.45
N TYR B 233 -7.35 13.02 2.38
CA TYR B 233 -7.98 12.28 3.46
C TYR B 233 -8.80 13.21 4.36
N LYS B 234 -8.20 14.33 4.74
CA LYS B 234 -8.89 15.32 5.59
C LYS B 234 -10.10 15.90 4.88
N GLU B 235 -9.97 16.18 3.59
CA GLU B 235 -11.06 16.71 2.81
C GLU B 235 -12.25 15.74 2.76
N ALA B 236 -11.95 14.46 2.62
CA ALA B 236 -12.99 13.43 2.59
C ALA B 236 -13.65 13.31 3.96
N LEU B 237 -12.83 13.22 4.99
CA LEU B 237 -13.35 13.07 6.35
C LEU B 237 -14.16 14.30 6.77
N ASN B 238 -13.74 15.48 6.33
CA ASN B 238 -14.44 16.70 6.70
C ASN B 238 -15.70 16.90 5.87
N LEU B 239 -15.73 16.28 4.69
CA LEU B 239 -16.94 16.19 3.90
C LEU B 239 -18.02 15.44 4.69
N VAL B 240 -17.63 14.33 5.30
CA VAL B 240 -18.55 13.55 6.12
C VAL B 240 -18.94 14.31 7.39
N GLU B 241 -17.94 14.85 8.09
CA GLU B 241 -18.13 15.61 9.33
C GLU B 241 -19.16 16.74 9.18
N ARG B 242 -19.12 17.43 8.04
CA ARG B 242 -20.01 18.56 7.80
C ARG B 242 -21.47 18.17 7.93
N SER B 243 -21.84 17.03 7.35
CA SER B 243 -23.21 16.53 7.41
C SER B 243 -23.46 15.54 8.55
N MET B 244 -22.39 15.13 9.22
CA MET B 244 -22.52 14.18 10.33
C MET B 244 -21.59 14.55 11.48
N PRO B 245 -21.98 15.57 12.27
CA PRO B 245 -21.15 16.09 13.36
C PRO B 245 -20.72 14.99 14.33
N GLY B 246 -19.43 14.95 14.67
CA GLY B 246 -18.92 13.98 15.61
C GLY B 246 -18.33 12.74 14.96
N ALA B 247 -18.49 12.64 13.64
CA ALA B 247 -18.03 11.48 12.89
C ALA B 247 -16.52 11.22 13.04
N LYS B 248 -15.70 12.26 12.91
CA LYS B 248 -14.25 12.11 13.00
C LYS B 248 -13.84 11.51 14.33
N LEU B 249 -14.44 12.01 15.40
CA LEU B 249 -14.06 11.58 16.74
C LEU B 249 -14.55 10.15 17.01
N ARG B 250 -15.77 9.84 16.56
CA ARG B 250 -16.27 8.46 16.67
C ARG B 250 -15.36 7.52 15.89
N PHE B 251 -14.93 7.97 14.72
CA PHE B 251 -14.04 7.22 13.85
C PHE B 251 -12.74 6.83 14.57
N LEU B 252 -12.07 7.82 15.14
CA LEU B 252 -10.78 7.59 15.78
C LEU B 252 -10.91 6.87 17.12
N ASP B 253 -11.90 7.27 17.93
CA ASP B 253 -12.17 6.58 19.19
C ASP B 253 -12.54 5.13 18.98
N GLY B 254 -13.42 4.89 18.00
CA GLY B 254 -13.83 3.56 17.63
C GLY B 254 -12.65 2.67 17.32
N PHE B 255 -11.67 3.21 16.59
CA PHE B 255 -10.49 2.44 16.24
C PHE B 255 -9.62 2.17 17.46
N LEU B 256 -9.34 3.22 18.24
CA LEU B 256 -8.44 3.10 19.38
C LEU B 256 -8.95 2.12 20.43
N GLU B 257 -10.24 2.23 20.75
CA GLU B 257 -10.84 1.41 21.82
C GLU B 257 -11.20 0.00 21.38
N LYS B 258 -11.72 -0.14 20.17
CA LYS B 258 -12.23 -1.42 19.70
C LYS B 258 -11.25 -2.18 18.81
N ILE B 259 -10.93 -1.60 17.65
CA ILE B 259 -10.15 -2.29 16.62
C ILE B 259 -8.67 -2.49 16.96
N ARG B 260 -8.01 -1.42 17.39
CA ARG B 260 -6.56 -1.46 17.62
C ARG B 260 -6.06 -2.54 18.59
N PRO B 261 -6.72 -2.71 19.76
CA PRO B 261 -6.17 -3.69 20.71
C PRO B 261 -6.17 -5.14 20.20
N ARG B 262 -7.00 -5.44 19.22
CA ARG B 262 -7.11 -6.79 18.67
C ARG B 262 -6.25 -7.02 17.43
N LEU B 263 -5.44 -6.03 17.06
CA LEU B 263 -4.63 -6.12 15.85
C LEU B 263 -3.41 -7.04 15.99
N ASP B 264 -2.69 -6.94 17.11
CA ASP B 264 -1.52 -7.77 17.34
C ASP B 264 -1.70 -8.69 18.53
N GLU B 268 6.54 -8.41 17.99
CA GLU B 268 6.97 -8.79 19.33
C GLU B 268 8.49 -8.92 19.40
N VAL B 269 9.19 -8.14 18.58
CA VAL B 269 10.65 -8.16 18.56
C VAL B 269 11.22 -6.93 19.27
N ALA B 270 12.22 -7.15 20.13
CA ALA B 270 12.84 -6.08 20.89
C ALA B 270 13.60 -5.10 20.00
N LEU B 271 13.56 -3.83 20.36
CA LEU B 271 14.27 -2.82 19.59
C LEU B 271 15.77 -2.98 19.71
N ARG B 272 16.47 -2.90 18.58
CA ARG B 272 17.92 -2.95 18.58
C ARG B 272 18.52 -1.61 19.00
N GLU B 273 19.84 -1.53 18.90
CA GLU B 273 20.58 -0.34 19.24
C GLU B 273 21.51 -0.03 18.07
N CYS B 274 21.41 1.18 17.52
CA CYS B 274 22.13 1.55 16.30
C CYS B 274 23.64 1.47 16.48
N GLU B 275 24.33 0.81 15.54
CA GLU B 275 25.77 0.65 15.64
C GLU B 275 26.50 1.99 15.60
N ARG B 276 25.90 2.97 14.93
CA ARG B 276 26.51 4.28 14.81
C ARG B 276 26.18 5.20 15.98
N CYS B 277 24.91 5.55 16.13
CA CYS B 277 24.49 6.50 17.17
C CYS B 277 23.95 5.89 18.47
N GLY B 278 23.69 4.59 18.47
CA GLY B 278 23.17 3.92 19.66
C GLY B 278 21.69 4.12 19.97
N TYR B 279 20.98 4.83 19.11
CA TYR B 279 19.55 5.10 19.32
C TYR B 279 18.69 3.94 18.76
N PRO B 280 17.44 3.82 19.24
CA PRO B 280 16.56 2.70 18.87
C PRO B 280 16.34 2.52 17.37
N THR B 281 16.39 1.28 16.91
CA THR B 281 16.13 0.96 15.51
C THR B 281 15.77 -0.52 15.39
N THR B 282 15.15 -0.91 14.28
CA THR B 282 14.92 -2.32 14.00
C THR B 282 15.99 -2.88 13.06
N GLY B 283 16.87 -2.01 12.59
CA GLY B 283 17.95 -2.42 11.70
C GLY B 283 19.29 -2.45 12.42
N ALA B 284 20.36 -2.71 11.68
CA ALA B 284 21.70 -2.66 12.27
C ALA B 284 22.14 -1.22 12.44
N VAL B 285 21.87 -0.41 11.42
CA VAL B 285 22.08 1.03 11.46
C VAL B 285 20.71 1.70 11.25
N CYS B 286 20.36 2.65 12.11
CA CYS B 286 19.04 3.27 12.06
C CYS B 286 18.82 4.08 10.77
N ALA B 287 17.56 4.31 10.45
CA ALA B 287 17.17 5.00 9.23
C ALA B 287 17.81 6.39 9.10
N PHE B 288 17.90 7.11 10.22
CA PHE B 288 18.53 8.43 10.27
C PHE B 288 19.99 8.37 9.81
N CYS B 289 20.76 7.47 10.42
CA CYS B 289 22.19 7.37 10.08
C CYS B 289 22.40 6.83 8.67
N ARG B 290 21.54 5.92 8.23
CA ARG B 290 21.64 5.41 6.87
C ARG B 290 21.35 6.53 5.85
N MET B 291 20.39 7.39 6.17
CA MET B 291 20.06 8.50 5.30
C MET B 291 21.27 9.42 5.06
N TRP B 292 21.90 9.83 6.16
CA TRP B 292 23.05 10.74 6.07
C TRP B 292 24.27 10.10 5.40
N ASP B 293 24.43 8.79 5.58
CA ASP B 293 25.52 8.09 4.90
C ASP B 293 25.27 8.11 3.40
N ALA B 294 24.03 7.89 2.99
CA ALA B 294 23.67 7.96 1.58
C ALA B 294 23.77 9.40 1.05
N VAL B 295 23.32 10.38 1.85
CA VAL B 295 23.42 11.79 1.45
C VAL B 295 24.87 12.23 1.26
N TYR B 296 25.71 11.94 2.23
CA TYR B 296 27.12 12.34 2.15
C TYR B 296 27.82 11.67 0.96
N ARG B 297 27.51 10.41 0.72
CA ARG B 297 28.05 9.69 -0.44
C ARG B 297 27.70 10.42 -1.74
N ARG B 298 26.42 10.70 -1.91
CA ARG B 298 25.91 11.36 -3.10
C ARG B 298 26.42 12.80 -3.21
N ALA B 299 26.55 13.48 -2.07
CA ALA B 299 27.03 14.85 -2.03
C ALA B 299 28.48 14.93 -2.53
N LYS B 300 29.30 13.97 -2.10
CA LYS B 300 30.71 13.91 -2.50
C LYS B 300 30.86 13.71 -4.00
N LYS B 301 30.06 12.81 -4.56
CA LYS B 301 30.03 12.58 -6.00
C LYS B 301 29.69 13.86 -6.77
N ARG B 302 28.75 14.64 -6.22
CA ARG B 302 28.30 15.87 -6.88
C ARG B 302 29.15 17.06 -6.47
N LYS B 303 30.20 16.78 -5.70
CA LYS B 303 31.11 17.82 -5.20
C LYS B 303 30.39 18.91 -4.40
N LEU B 304 29.40 18.49 -3.61
CA LEU B 304 28.75 19.40 -2.67
C LEU B 304 29.34 19.23 -1.27
N LEU B 305 30.22 18.24 -1.14
CA LEU B 305 30.85 17.94 0.14
C LEU B 305 32.27 17.44 -0.08
N PRO B 306 33.20 17.77 0.83
CA PRO B 306 34.59 17.28 0.69
C PRO B 306 34.68 15.77 0.86
N GLU B 307 35.56 15.12 0.11
CA GLU B 307 35.68 13.67 0.13
C GLU B 307 36.10 13.13 1.50
N GLU B 308 36.98 13.86 2.17
CA GLU B 308 37.56 13.41 3.45
C GLU B 308 36.74 13.83 4.66
N VAL B 309 35.59 14.44 4.41
CA VAL B 309 34.63 14.73 5.47
C VAL B 309 33.81 13.47 5.76
N SER B 310 33.55 13.20 7.03
CA SER B 310 32.81 12.00 7.42
C SER B 310 31.66 12.32 8.38
N PHE B 311 30.56 11.57 8.28
CA PHE B 311 29.41 11.80 9.16
C PHE B 311 29.71 11.30 10.56
N ARG B 312 29.63 12.19 11.54
CA ARG B 312 29.87 11.83 12.92
C ARG B 312 28.60 12.02 13.75
N PRO B 313 27.93 10.92 14.08
CA PRO B 313 26.68 11.02 14.85
C PRO B 313 26.95 11.33 16.31
N ARG B 314 26.04 12.04 16.96
CA ARG B 314 26.14 12.21 18.40
C ARG B 314 25.60 10.93 19.02
N VAL B 315 26.44 10.20 19.74
CA VAL B 315 26.03 8.89 20.24
C VAL B 315 25.14 9.07 21.46
N LYS B 316 24.23 8.13 21.66
CA LYS B 316 23.38 8.17 22.84
C LYS B 316 24.24 8.08 24.09
N PRO B 317 24.04 9.01 25.04
CA PRO B 317 24.69 8.98 26.36
C PRO B 317 24.23 7.80 27.19
N LEU B 318 24.96 7.49 28.27
CA LEU B 318 24.53 6.42 29.17
C LEU B 318 24.97 6.69 30.61
N ARG C 11 -24.81 20.71 -25.29
CA ARG C 11 -26.21 20.37 -25.04
C ARG C 11 -26.31 19.01 -24.35
N VAL C 12 -26.09 19.02 -23.04
CA VAL C 12 -26.03 17.78 -22.27
C VAL C 12 -27.31 17.55 -21.46
N VAL C 13 -27.78 16.30 -21.43
CA VAL C 13 -28.91 15.91 -20.60
C VAL C 13 -28.34 15.28 -19.33
N LEU C 14 -28.88 15.64 -18.17
CA LEU C 14 -28.27 15.25 -16.90
C LEU C 14 -29.15 14.40 -15.99
N ARG C 15 -28.64 13.23 -15.64
CA ARG C 15 -29.26 12.39 -14.62
C ARG C 15 -29.07 13.08 -13.27
N LEU C 16 -29.92 12.75 -12.31
CA LEU C 16 -30.94 11.74 -12.48
C LEU C 16 -32.31 12.40 -12.61
N PRO C 17 -33.26 11.78 -13.29
CA PRO C 17 -34.55 12.45 -13.48
C PRO C 17 -35.19 12.75 -12.13
N GLU C 18 -35.76 13.95 -11.98
CA GLU C 18 -35.85 14.93 -13.06
C GLU C 18 -34.47 15.37 -13.52
N ARG C 19 -34.24 15.35 -14.83
CA ARG C 19 -32.93 15.66 -15.35
C ARG C 19 -32.84 17.09 -15.81
N LYS C 20 -31.99 17.86 -15.14
CA LYS C 20 -31.76 19.26 -15.50
C LYS C 20 -30.94 19.36 -16.78
N GLU C 21 -31.46 20.09 -17.75
CA GLU C 21 -30.80 20.20 -19.06
C GLU C 21 -29.98 21.49 -19.17
N VAL C 22 -28.70 21.35 -19.52
CA VAL C 22 -27.81 22.49 -19.70
C VAL C 22 -26.99 22.36 -20.98
N GLU C 23 -26.42 23.46 -21.44
CA GLU C 23 -25.58 23.44 -22.63
C GLU C 23 -24.23 24.10 -22.36
N VAL C 24 -23.16 23.49 -22.89
CA VAL C 24 -21.81 24.01 -22.69
C VAL C 24 -21.02 24.02 -24.00
N LYS C 25 -19.90 24.72 -24.00
CA LYS C 25 -19.05 24.82 -25.19
C LYS C 25 -18.40 23.50 -25.55
N GLY C 26 -18.26 23.24 -26.85
CA GLY C 26 -17.72 21.99 -27.34
C GLY C 26 -16.23 22.04 -27.63
N ASN C 27 -15.82 21.28 -28.64
CA ASN C 27 -14.43 21.17 -29.11
C ASN C 27 -13.42 20.97 -27.99
N ARG C 28 -13.81 20.20 -26.97
CA ARG C 28 -12.92 19.87 -25.86
C ARG C 28 -13.20 18.45 -25.37
N PRO C 29 -12.20 17.81 -24.73
CA PRO C 29 -12.38 16.46 -24.19
C PRO C 29 -13.48 16.38 -23.14
N LEU C 30 -13.99 15.17 -22.91
CA LEU C 30 -15.02 14.94 -21.91
C LEU C 30 -14.53 15.28 -20.51
N ARG C 31 -13.23 15.09 -20.29
CA ARG C 31 -12.62 15.36 -19.00
C ARG C 31 -12.87 16.79 -18.53
N GLU C 32 -12.81 17.73 -19.47
CA GLU C 32 -12.98 19.14 -19.15
C GLU C 32 -14.43 19.53 -18.93
N VAL C 33 -15.33 18.99 -19.75
CA VAL C 33 -16.75 19.34 -19.66
C VAL C 33 -17.37 18.77 -18.38
N LEU C 34 -16.77 17.72 -17.84
CA LEU C 34 -17.22 17.17 -16.57
C LEU C 34 -16.70 18.00 -15.41
N GLU C 35 -15.49 18.53 -15.56
CA GLU C 35 -14.89 19.38 -14.53
C GLU C 35 -15.65 20.70 -14.40
N GLU C 36 -16.10 21.23 -15.53
CA GLU C 36 -16.88 22.46 -15.53
C GLU C 36 -18.22 22.24 -14.82
N LEU C 37 -18.86 21.12 -15.13
CA LEU C 37 -20.13 20.77 -14.48
C LEU C 37 -19.89 20.33 -13.04
N GLY C 38 -18.64 20.05 -12.70
CA GLY C 38 -18.27 19.66 -11.36
C GLY C 38 -18.69 18.24 -11.02
N LEU C 39 -18.67 17.37 -12.03
CA LEU C 39 -19.07 15.97 -11.84
C LEU C 39 -17.84 15.09 -11.65
N ASN C 40 -17.86 14.29 -10.58
CA ASN C 40 -16.82 13.29 -10.35
C ASN C 40 -16.91 12.19 -11.39
N PRO C 41 -15.85 12.03 -12.20
CA PRO C 41 -15.77 11.03 -13.28
C PRO C 41 -16.03 9.60 -12.81
N GLU C 42 -15.81 9.34 -11.53
CA GLU C 42 -16.04 8.01 -10.98
C GLU C 42 -17.52 7.73 -10.80
N THR C 43 -18.30 8.79 -10.57
CA THR C 43 -19.72 8.64 -10.25
C THR C 43 -20.66 8.83 -11.44
N VAL C 44 -20.11 9.05 -12.63
CA VAL C 44 -20.94 9.28 -13.80
C VAL C 44 -20.51 8.48 -15.02
N VAL C 45 -21.42 8.35 -15.98
CA VAL C 45 -21.13 7.74 -17.28
C VAL C 45 -21.72 8.59 -18.40
N ALA C 46 -20.87 9.07 -19.29
CA ALA C 46 -21.32 9.92 -20.39
C ALA C 46 -21.73 9.07 -21.60
N VAL C 47 -22.93 9.34 -22.12
CA VAL C 47 -23.44 8.57 -23.25
C VAL C 47 -23.84 9.46 -24.42
N ARG C 48 -23.19 9.25 -25.56
CA ARG C 48 -23.57 9.91 -26.80
C ARG C 48 -24.19 8.87 -27.73
N GLY C 49 -25.49 8.97 -27.95
CA GLY C 49 -26.20 7.97 -28.71
C GLY C 49 -26.14 6.63 -28.00
N GLU C 50 -25.64 5.61 -28.69
CA GLU C 50 -25.42 4.30 -28.11
C GLU C 50 -23.98 4.14 -27.64
N GLU C 51 -23.19 5.20 -27.77
CA GLU C 51 -21.76 5.15 -27.45
C GLU C 51 -21.45 5.65 -26.04
N LEU C 52 -20.49 4.98 -25.39
CA LEU C 52 -19.97 5.43 -24.10
C LEU C 52 -18.70 6.25 -24.31
N LEU C 53 -18.69 7.48 -23.80
CA LEU C 53 -17.55 8.37 -23.97
C LEU C 53 -16.57 8.30 -22.79
N THR C 54 -15.31 8.02 -23.10
CA THR C 54 -14.24 8.09 -22.12
C THR C 54 -13.87 9.55 -21.83
N LEU C 55 -13.18 9.78 -20.72
CA LEU C 55 -12.71 11.11 -20.35
C LEU C 55 -11.85 11.74 -21.44
N GLU C 56 -11.10 10.90 -22.15
CA GLU C 56 -10.19 11.35 -23.18
C GLU C 56 -10.91 11.62 -24.51
N ASP C 57 -12.10 11.06 -24.67
CA ASP C 57 -12.87 11.23 -25.89
C ASP C 57 -13.27 12.68 -26.13
N GLU C 58 -13.42 13.05 -27.39
CA GLU C 58 -13.74 14.42 -27.80
C GLU C 58 -15.24 14.61 -27.97
N VAL C 59 -15.76 15.69 -27.39
CA VAL C 59 -17.15 16.06 -27.61
C VAL C 59 -17.22 17.25 -28.58
N ARG C 60 -18.24 17.28 -29.42
CA ARG C 60 -18.38 18.33 -30.41
C ARG C 60 -19.25 19.47 -29.87
N GLU C 61 -19.38 20.53 -30.68
CA GLU C 61 -20.26 21.64 -30.33
C GLU C 61 -21.71 21.28 -30.68
N GLU C 62 -21.87 20.40 -31.66
CA GLU C 62 -23.20 19.97 -32.10
C GLU C 62 -23.65 18.67 -31.43
N ASP C 63 -22.78 18.11 -30.59
CA ASP C 63 -23.08 16.84 -29.92
C ASP C 63 -24.23 16.95 -28.94
N THR C 64 -25.03 15.88 -28.86
CA THR C 64 -26.06 15.75 -27.85
C THR C 64 -25.66 14.64 -26.89
N LEU C 65 -25.34 15.02 -25.65
CA LEU C 65 -24.84 14.06 -24.67
C LEU C 65 -25.83 13.82 -23.54
N GLU C 66 -25.78 12.62 -22.99
CA GLU C 66 -26.54 12.29 -21.79
C GLU C 66 -25.62 11.69 -20.73
N VAL C 67 -25.47 12.37 -19.62
CA VAL C 67 -24.62 11.89 -18.53
C VAL C 67 -25.46 11.13 -17.50
N LEU C 68 -25.07 9.90 -17.20
CA LEU C 68 -25.81 9.08 -16.25
C LEU C 68 -25.07 8.89 -14.93
N SER C 69 -25.80 9.09 -13.84
CA SER C 69 -25.25 8.90 -12.50
C SER C 69 -25.21 7.42 -12.14
N ALA C 70 -24.04 6.95 -11.74
CA ALA C 70 -23.83 5.57 -11.35
C ALA C 70 -24.20 5.34 -9.89
N ILE C 71 -24.39 6.42 -9.15
CA ILE C 71 -24.62 6.34 -7.72
C ILE C 71 -26.07 5.95 -7.40
N SER C 72 -26.23 4.90 -6.59
CA SER C 72 -27.55 4.47 -6.14
C SER C 72 -27.82 4.96 -4.73
N GLY C 73 -29.05 5.40 -4.49
CA GLY C 73 -29.45 5.93 -3.20
C GLY C 73 -29.61 4.85 -2.14
N GLY C 74 -29.84 3.62 -2.59
CA GLY C 74 -29.98 2.50 -1.69
C GLY C 74 -31.35 2.44 -1.03
N VAL D 2 -6.47 2.67 -25.94
CA VAL D 2 -7.40 1.90 -26.76
C VAL D 2 -7.68 0.52 -26.15
N CYS D 3 -8.52 -0.26 -26.81
CA CYS D 3 -8.86 -1.60 -26.36
C CYS D 3 -7.62 -2.49 -26.31
N LYS D 4 -7.50 -3.27 -25.25
CA LYS D 4 -6.32 -4.08 -25.02
C LYS D 4 -6.23 -5.27 -25.97
N VAL D 5 -7.35 -5.94 -26.19
CA VAL D 5 -7.39 -7.13 -27.03
C VAL D 5 -7.81 -6.81 -28.47
N CYS D 6 -8.11 -5.55 -28.74
CA CYS D 6 -8.52 -5.14 -30.09
C CYS D 6 -7.54 -4.14 -30.69
N GLY D 7 -7.46 -2.97 -30.08
CA GLY D 7 -6.71 -1.87 -30.64
C GLY D 7 -7.67 -0.81 -31.15
N GLN D 8 -8.96 -1.17 -31.18
CA GLN D 8 -10.01 -0.22 -31.57
C GLN D 8 -10.32 0.70 -30.39
N LYS D 9 -11.22 1.65 -30.60
CA LYS D 9 -11.57 2.60 -29.56
C LYS D 9 -12.24 1.89 -28.39
N ALA D 10 -11.72 2.13 -27.18
CA ALA D 10 -12.23 1.50 -25.98
C ALA D 10 -13.49 2.20 -25.48
N GLN D 11 -14.50 1.41 -25.12
CA GLN D 11 -15.74 1.96 -24.57
C GLN D 11 -15.58 2.32 -23.10
N VAL D 12 -14.76 1.54 -22.39
CA VAL D 12 -14.59 1.72 -20.95
C VAL D 12 -13.11 1.74 -20.56
N GLU D 13 -12.69 2.83 -19.92
CA GLU D 13 -11.34 2.93 -19.39
C GLU D 13 -11.36 2.82 -17.87
N MET D 14 -10.61 1.87 -17.33
CA MET D 14 -10.52 1.71 -15.88
C MET D 14 -9.09 1.90 -15.39
N ARG D 15 -8.84 3.01 -14.73
CA ARG D 15 -7.49 3.35 -14.29
C ARG D 15 -7.10 2.55 -13.05
N SER D 16 -8.11 2.17 -12.28
CA SER D 16 -7.90 1.37 -11.07
C SER D 16 -7.29 0.02 -11.42
N ARG D 17 -7.79 -0.57 -12.50
CA ARG D 17 -7.29 -1.87 -12.96
C ARG D 17 -6.26 -1.72 -14.07
N GLY D 18 -6.03 -0.49 -14.50
CA GLY D 18 -5.13 -0.22 -15.61
C GLY D 18 -5.54 -0.95 -16.87
N LEU D 19 -6.83 -0.96 -17.15
CA LEU D 19 -7.37 -1.76 -18.25
C LEU D 19 -8.43 -1.00 -19.05
N ALA D 20 -8.29 -1.04 -20.38
CA ALA D 20 -9.25 -0.43 -21.28
C ALA D 20 -9.74 -1.46 -22.30
N LEU D 21 -11.05 -1.47 -22.54
CA LEU D 21 -11.65 -2.48 -23.42
C LEU D 21 -12.75 -1.90 -24.30
N CYS D 22 -13.01 -2.55 -25.43
CA CYS D 22 -14.08 -2.14 -26.32
C CYS D 22 -15.41 -2.69 -25.80
N ARG D 23 -16.48 -2.49 -26.55
CA ARG D 23 -17.81 -2.92 -26.11
C ARG D 23 -17.90 -4.42 -25.86
N GLU D 24 -17.55 -5.23 -26.87
CA GLU D 24 -17.70 -6.67 -26.76
C GLU D 24 -16.74 -7.29 -25.74
N HIS D 25 -15.55 -6.72 -25.61
CA HIS D 25 -14.55 -7.28 -24.70
C HIS D 25 -14.80 -6.88 -23.25
N TYR D 26 -15.41 -5.72 -23.04
CA TYR D 26 -15.78 -5.30 -21.70
C TYR D 26 -16.90 -6.19 -21.17
N LEU D 27 -17.88 -6.48 -22.02
CA LEU D 27 -18.98 -7.36 -21.66
C LEU D 27 -18.48 -8.73 -21.27
N ASP D 28 -17.47 -9.23 -21.99
CA ASP D 28 -16.92 -10.54 -21.73
C ASP D 28 -16.09 -10.54 -20.45
N TRP D 29 -15.35 -9.46 -20.23
CA TRP D 29 -14.50 -9.34 -19.05
C TRP D 29 -15.33 -9.21 -17.78
N PHE D 30 -16.40 -8.43 -17.85
CA PHE D 30 -17.28 -8.22 -16.70
C PHE D 30 -17.86 -9.56 -16.23
N VAL D 31 -18.40 -10.32 -17.18
CA VAL D 31 -18.95 -11.65 -16.90
C VAL D 31 -17.89 -12.57 -16.31
N LYS D 32 -16.70 -12.56 -16.90
CA LYS D 32 -15.60 -13.39 -16.39
C LYS D 32 -15.17 -12.98 -15.00
N GLU D 33 -15.07 -11.68 -14.77
CA GLU D 33 -14.66 -11.15 -13.46
C GLU D 33 -15.67 -11.54 -12.38
N THR D 34 -16.94 -11.62 -12.76
CA THR D 34 -17.96 -12.07 -11.83
C THR D 34 -17.74 -13.53 -11.43
N GLU D 35 -17.49 -14.38 -12.43
CA GLU D 35 -17.20 -15.79 -12.17
C GLU D 35 -15.95 -15.92 -11.30
N ARG D 36 -14.93 -15.14 -11.62
CA ARG D 36 -13.70 -15.14 -10.86
C ARG D 36 -13.99 -14.78 -9.41
N ALA D 37 -14.85 -13.79 -9.22
CA ALA D 37 -15.26 -13.39 -7.88
C ALA D 37 -16.06 -14.50 -7.19
N ILE D 38 -16.91 -15.18 -7.96
CA ILE D 38 -17.71 -16.27 -7.43
C ILE D 38 -16.84 -17.45 -6.99
N ARG D 39 -15.93 -17.86 -7.87
CA ARG D 39 -15.03 -18.98 -7.58
C ARG D 39 -14.12 -18.70 -6.39
N ARG D 40 -13.48 -17.53 -6.41
CA ARG D 40 -12.51 -17.15 -5.39
C ARG D 40 -13.07 -17.25 -3.97
N HIS D 41 -14.29 -16.75 -3.79
CA HIS D 41 -14.94 -16.80 -2.48
C HIS D 41 -15.90 -17.97 -2.31
N ARG D 42 -16.00 -18.81 -3.35
CA ARG D 42 -16.87 -19.99 -3.34
C ARG D 42 -18.32 -19.61 -3.00
N MET D 43 -18.85 -18.65 -3.75
CA MET D 43 -20.19 -18.12 -3.51
C MET D 43 -21.28 -19.10 -3.93
N LEU D 44 -21.17 -19.60 -5.15
CA LEU D 44 -22.18 -20.46 -5.74
C LEU D 44 -21.58 -21.76 -6.27
N LEU D 45 -22.36 -22.84 -6.21
CA LEU D 45 -22.03 -24.07 -6.92
C LEU D 45 -22.43 -23.89 -8.38
N PRO D 46 -21.57 -24.31 -9.31
CA PRO D 46 -21.89 -24.17 -10.74
C PRO D 46 -23.22 -24.84 -11.10
N GLY D 47 -24.08 -24.11 -11.82
CA GLY D 47 -25.37 -24.62 -12.23
C GLY D 47 -26.45 -24.56 -11.16
N GLU D 48 -26.08 -24.16 -9.95
CA GLU D 48 -26.98 -24.16 -8.80
C GLU D 48 -28.19 -23.25 -9.00
N ARG D 49 -29.28 -23.57 -8.31
CA ARG D 49 -30.44 -22.69 -8.23
C ARG D 49 -30.14 -21.55 -7.28
N VAL D 50 -30.26 -20.32 -7.77
CA VAL D 50 -29.98 -19.15 -6.95
C VAL D 50 -31.12 -18.16 -6.99
N LEU D 51 -31.53 -17.69 -5.82
CA LEU D 51 -32.56 -16.66 -5.75
C LEU D 51 -31.90 -15.28 -5.84
N VAL D 52 -32.25 -14.53 -6.87
CA VAL D 52 -31.69 -13.21 -7.08
C VAL D 52 -32.68 -12.13 -6.68
N ALA D 53 -32.38 -11.39 -5.61
CA ALA D 53 -33.25 -10.29 -5.22
C ALA D 53 -33.12 -9.17 -6.26
N VAL D 54 -34.24 -8.81 -6.89
CA VAL D 54 -34.21 -7.86 -8.00
C VAL D 54 -35.15 -6.69 -7.76
N SER D 55 -34.59 -5.49 -7.76
CA SER D 55 -35.35 -4.26 -7.57
C SER D 55 -35.75 -3.58 -8.87
N GLY D 56 -35.17 -4.01 -9.99
CA GLY D 56 -35.36 -3.31 -11.24
C GLY D 56 -34.27 -2.27 -11.48
N GLY D 57 -33.40 -2.10 -10.49
CA GLY D 57 -32.27 -1.19 -10.60
C GLY D 57 -31.17 -1.75 -11.50
N LYS D 58 -30.17 -0.93 -11.77
CA LYS D 58 -29.11 -1.30 -12.70
C LYS D 58 -28.28 -2.48 -12.21
N ASP D 59 -28.03 -2.55 -10.90
CA ASP D 59 -27.14 -3.57 -10.36
C ASP D 59 -27.83 -4.94 -10.29
N SER D 60 -29.07 -4.98 -9.79
CA SER D 60 -29.77 -6.25 -9.60
C SER D 60 -30.18 -6.85 -10.96
N LEU D 61 -30.58 -6.01 -11.90
CA LEU D 61 -30.89 -6.49 -13.24
C LEU D 61 -29.65 -7.01 -13.95
N ALA D 62 -28.51 -6.37 -13.71
CA ALA D 62 -27.25 -6.80 -14.32
C ALA D 62 -26.77 -8.10 -13.69
N LEU D 63 -27.05 -8.28 -12.40
CA LEU D 63 -26.65 -9.49 -11.70
C LEU D 63 -27.45 -10.68 -12.19
N TRP D 64 -28.75 -10.46 -12.41
CA TRP D 64 -29.63 -11.48 -12.94
C TRP D 64 -29.18 -11.89 -14.34
N ASP D 65 -28.84 -10.90 -15.16
CA ASP D 65 -28.37 -11.14 -16.53
C ASP D 65 -27.08 -11.95 -16.53
N VAL D 66 -26.16 -11.62 -15.64
CA VAL D 66 -24.85 -12.29 -15.60
C VAL D 66 -24.95 -13.70 -15.02
N LEU D 67 -25.74 -13.87 -13.97
CA LEU D 67 -25.87 -15.18 -13.34
C LEU D 67 -26.57 -16.19 -14.28
N SER D 68 -27.42 -15.69 -15.15
CA SER D 68 -28.07 -16.53 -16.15
C SER D 68 -27.07 -17.00 -17.20
N ARG D 69 -26.31 -16.04 -17.73
CA ARG D 69 -25.30 -16.31 -18.75
C ARG D 69 -24.23 -17.27 -18.26
N LEU D 70 -24.01 -17.28 -16.95
CA LEU D 70 -22.98 -18.12 -16.34
C LEU D 70 -23.47 -19.54 -16.07
N GLY D 71 -24.69 -19.84 -16.49
CA GLY D 71 -25.22 -21.18 -16.40
C GLY D 71 -25.80 -21.53 -15.04
N TYR D 72 -26.16 -20.51 -14.29
CA TYR D 72 -26.80 -20.71 -13.00
C TYR D 72 -28.30 -20.71 -13.19
N GLN D 73 -29.03 -21.46 -12.38
CA GLN D 73 -30.48 -21.38 -12.46
C GLN D 73 -30.88 -20.26 -11.53
N ALA D 74 -31.30 -19.15 -12.13
CA ALA D 74 -31.45 -17.92 -11.36
C ALA D 74 -32.89 -17.43 -11.41
N VAL D 75 -33.56 -17.54 -10.27
CA VAL D 75 -34.93 -17.07 -10.14
C VAL D 75 -34.92 -15.70 -9.45
N GLY D 76 -35.60 -14.74 -10.05
CA GLY D 76 -35.70 -13.42 -9.45
C GLY D 76 -36.80 -13.34 -8.40
N LEU D 77 -36.54 -12.58 -7.34
CA LEU D 77 -37.55 -12.23 -6.37
C LEU D 77 -37.66 -10.73 -6.27
N HIS D 78 -38.82 -10.20 -6.63
CA HIS D 78 -39.09 -8.78 -6.47
C HIS D 78 -40.06 -8.56 -5.33
N ILE D 79 -39.72 -7.63 -4.44
CA ILE D 79 -40.64 -7.26 -3.37
C ILE D 79 -41.29 -5.92 -3.67
N GLU D 80 -42.62 -5.90 -3.63
CA GLU D 80 -43.34 -4.66 -3.91
C GLU D 80 -43.55 -3.95 -2.59
N LEU D 81 -42.82 -2.86 -2.40
CA LEU D 81 -42.70 -2.25 -1.09
C LEU D 81 -43.81 -1.25 -0.81
N GLY D 82 -44.58 -0.93 -1.84
CA GLY D 82 -45.70 -0.02 -1.72
C GLY D 82 -45.28 1.43 -1.55
N ILE D 83 -44.18 1.82 -2.18
CA ILE D 83 -43.72 3.20 -2.08
C ILE D 83 -44.08 3.98 -3.34
N GLY D 84 -45.10 4.81 -3.23
CA GLY D 84 -45.49 5.72 -4.30
C GLY D 84 -45.66 5.07 -5.65
N GLU D 85 -45.35 5.84 -6.70
CA GLU D 85 -45.33 5.32 -8.06
C GLU D 85 -43.99 4.63 -8.30
N TYR D 86 -43.04 4.88 -7.40
CA TYR D 86 -41.71 4.30 -7.49
C TYR D 86 -41.76 2.78 -7.45
N SER D 87 -42.46 2.23 -6.48
CA SER D 87 -42.61 0.78 -6.35
C SER D 87 -43.38 0.20 -7.53
N LYS D 88 -44.34 0.96 -8.03
CA LYS D 88 -45.14 0.54 -9.17
C LYS D 88 -44.24 0.40 -10.40
N ARG D 89 -43.36 1.37 -10.61
CA ARG D 89 -42.45 1.35 -11.76
C ARG D 89 -41.34 0.33 -11.59
N SER D 90 -40.89 0.12 -10.35
CA SER D 90 -39.88 -0.89 -10.06
C SER D 90 -40.38 -2.27 -10.47
N LEU D 91 -41.66 -2.53 -10.17
CA LEU D 91 -42.28 -3.80 -10.54
C LEU D 91 -42.38 -3.94 -12.05
N GLU D 92 -42.83 -2.88 -12.72
CA GLU D 92 -43.00 -2.89 -14.17
C GLU D 92 -41.70 -3.18 -14.91
N VAL D 93 -40.62 -2.53 -14.46
CA VAL D 93 -39.31 -2.71 -15.08
C VAL D 93 -38.79 -4.12 -14.84
N THR D 94 -38.96 -4.61 -13.62
CA THR D 94 -38.48 -5.94 -13.29
C THR D 94 -39.25 -7.00 -14.07
N GLN D 95 -40.57 -6.83 -14.17
CA GLN D 95 -41.43 -7.77 -14.91
C GLN D 95 -41.09 -7.77 -16.39
N ALA D 96 -40.91 -6.58 -16.96
CA ALA D 96 -40.54 -6.44 -18.37
C ALA D 96 -39.22 -7.15 -18.66
N PHE D 97 -38.28 -7.05 -17.73
CA PHE D 97 -36.97 -7.68 -17.87
C PHE D 97 -37.09 -9.20 -17.86
N ALA D 98 -37.88 -9.72 -16.92
CA ALA D 98 -38.04 -11.16 -16.78
C ALA D 98 -38.79 -11.76 -17.97
N ARG D 99 -39.75 -11.01 -18.50
CA ARG D 99 -40.57 -11.48 -19.60
C ARG D 99 -39.75 -11.61 -20.89
N GLU D 100 -38.91 -10.62 -21.16
CA GLU D 100 -38.10 -10.61 -22.37
C GLU D 100 -36.99 -11.65 -22.33
N ARG D 101 -36.49 -11.94 -21.14
CA ARG D 101 -35.41 -12.90 -20.96
C ARG D 101 -35.94 -14.31 -20.76
N GLY D 102 -37.26 -14.44 -20.56
CA GLY D 102 -37.86 -15.73 -20.30
C GLY D 102 -37.38 -16.35 -19.00
N LEU D 103 -37.37 -15.54 -17.95
CA LEU D 103 -36.92 -16.00 -16.64
C LEU D 103 -38.07 -16.02 -15.63
N GLU D 104 -37.94 -16.87 -14.62
CA GLU D 104 -38.96 -16.96 -13.57
C GLU D 104 -38.85 -15.79 -12.59
N LEU D 105 -39.95 -15.09 -12.38
CA LEU D 105 -39.99 -14.00 -11.41
C LEU D 105 -41.01 -14.27 -10.31
N LEU D 106 -40.54 -14.31 -9.07
CA LEU D 106 -41.44 -14.38 -7.91
C LEU D 106 -41.65 -12.98 -7.37
N VAL D 107 -42.90 -12.67 -7.01
CA VAL D 107 -43.24 -11.35 -6.48
C VAL D 107 -43.92 -11.48 -5.12
N VAL D 108 -43.50 -10.67 -4.17
CA VAL D 108 -44.18 -10.57 -2.88
C VAL D 108 -44.64 -9.13 -2.68
N ASP D 109 -45.96 -8.93 -2.64
CA ASP D 109 -46.52 -7.60 -2.42
C ASP D 109 -46.62 -7.35 -0.92
N LEU D 110 -45.92 -6.31 -0.45
CA LEU D 110 -45.85 -6.05 0.99
C LEU D 110 -47.23 -5.75 1.57
N LYS D 111 -47.97 -4.87 0.90
CA LYS D 111 -49.27 -4.41 1.40
C LYS D 111 -50.31 -5.53 1.34
N GLU D 112 -50.33 -6.31 0.27
CA GLU D 112 -51.28 -7.40 0.14
C GLU D 112 -51.07 -8.47 1.19
N ALA D 113 -49.81 -8.82 1.43
CA ALA D 113 -49.48 -9.87 2.38
C ALA D 113 -49.70 -9.43 3.83
N TYR D 114 -49.07 -8.32 4.22
CA TYR D 114 -49.14 -7.91 5.62
C TYR D 114 -50.10 -6.76 5.94
N GLY D 115 -50.67 -6.14 4.91
CA GLY D 115 -51.63 -5.06 5.12
C GLY D 115 -51.09 -3.65 4.99
N PHE D 116 -49.78 -3.47 5.08
CA PHE D 116 -49.22 -2.14 5.06
C PHE D 116 -47.91 -2.06 4.28
N GLY D 117 -47.81 -1.07 3.40
CA GLY D 117 -46.59 -0.80 2.69
C GLY D 117 -45.62 -0.01 3.55
N VAL D 118 -44.44 0.25 2.99
CA VAL D 118 -43.38 0.96 3.70
C VAL D 118 -43.79 2.34 4.23
N PRO D 119 -44.50 3.17 3.43
CA PRO D 119 -44.89 4.48 3.97
C PRO D 119 -45.76 4.37 5.23
N GLU D 120 -46.66 3.39 5.27
CA GLU D 120 -47.49 3.15 6.45
C GLU D 120 -46.68 2.55 7.59
N LEU D 121 -45.70 1.70 7.24
CA LEU D 121 -44.81 1.12 8.23
C LEU D 121 -44.05 2.18 9.02
N ALA D 122 -43.64 3.24 8.33
CA ALA D 122 -42.94 4.34 8.97
C ALA D 122 -43.79 4.95 10.09
N ARG D 123 -45.07 5.17 9.79
CA ARG D 123 -45.98 5.77 10.76
C ARG D 123 -46.37 4.80 11.87
N LEU D 124 -46.74 3.57 11.50
CA LEU D 124 -47.29 2.62 12.45
C LEU D 124 -46.23 1.99 13.34
N SER D 125 -45.12 1.55 12.76
CA SER D 125 -43.99 1.07 13.54
C SER D 125 -43.18 2.25 14.06
N GLY D 126 -42.47 2.05 15.17
CA GLY D 126 -41.63 3.10 15.72
C GLY D 126 -40.43 3.39 14.83
N ARG D 127 -40.18 2.51 13.87
CA ARG D 127 -39.02 2.60 13.01
C ARG D 127 -39.19 3.61 11.87
N VAL D 128 -38.09 4.21 11.46
CA VAL D 128 -38.06 5.08 10.29
C VAL D 128 -38.30 4.23 9.04
N ALA D 129 -38.73 4.85 7.95
CA ALA D 129 -39.06 4.15 6.72
C ALA D 129 -37.98 3.15 6.28
N CYS D 130 -36.74 3.63 6.14
CA CYS D 130 -35.65 2.79 5.67
C CYS D 130 -35.33 1.64 6.62
N SER D 131 -35.56 1.86 7.91
CA SER D 131 -35.33 0.83 8.91
C SER D 131 -36.37 -0.30 8.75
N ALA D 132 -37.63 0.08 8.63
CA ALA D 132 -38.69 -0.91 8.45
C ALA D 132 -38.57 -1.58 7.09
N CYS D 133 -38.14 -0.83 6.09
CA CYS D 133 -37.99 -1.38 4.74
C CYS D 133 -36.84 -2.39 4.68
N GLY D 134 -35.75 -2.08 5.36
CA GLY D 134 -34.61 -2.97 5.40
C GLY D 134 -34.94 -4.29 6.07
N LEU D 135 -35.58 -4.20 7.22
CA LEU D 135 -35.99 -5.38 7.97
C LEU D 135 -36.97 -6.24 7.17
N SER D 136 -37.97 -5.61 6.56
CA SER D 136 -38.96 -6.34 5.79
C SER D 136 -38.33 -7.04 4.59
N LYS D 137 -37.48 -6.32 3.87
CA LYS D 137 -36.82 -6.83 2.69
C LYS D 137 -35.96 -8.05 3.00
N ARG D 138 -35.13 -7.94 4.02
CA ARG D 138 -34.22 -9.03 4.36
C ARG D 138 -34.96 -10.26 4.85
N TYR D 139 -35.98 -10.07 5.69
CA TYR D 139 -36.77 -11.18 6.20
C TYR D 139 -37.49 -11.93 5.08
N ILE D 140 -38.15 -11.19 4.21
CA ILE D 140 -38.97 -11.79 3.15
C ILE D 140 -38.11 -12.48 2.09
N ILE D 141 -36.97 -11.88 1.77
CA ILE D 141 -36.05 -12.49 0.83
C ILE D 141 -35.61 -13.84 1.35
N ASN D 142 -35.24 -13.89 2.63
CA ASN D 142 -34.84 -15.14 3.26
C ASN D 142 -36.00 -16.14 3.34
N GLN D 143 -37.19 -15.64 3.64
CA GLN D 143 -38.37 -16.49 3.75
C GLN D 143 -38.66 -17.22 2.45
N VAL D 144 -38.72 -16.47 1.35
CA VAL D 144 -38.96 -17.07 0.04
C VAL D 144 -37.86 -18.04 -0.34
N ALA D 145 -36.63 -17.72 0.06
CA ALA D 145 -35.49 -18.60 -0.21
C ALA D 145 -35.68 -19.95 0.48
N VAL D 146 -35.91 -19.92 1.79
CA VAL D 146 -36.11 -21.14 2.55
C VAL D 146 -37.31 -21.94 2.05
N GLU D 147 -38.45 -21.26 1.87
CA GLU D 147 -39.69 -21.90 1.45
C GLU D 147 -39.59 -22.54 0.08
N GLU D 148 -38.87 -21.89 -0.83
CA GLU D 148 -38.78 -22.39 -2.20
C GLU D 148 -37.55 -23.28 -2.40
N GLY D 149 -36.84 -23.56 -1.31
CA GLY D 149 -35.72 -24.47 -1.35
C GLY D 149 -34.47 -23.94 -2.03
N PHE D 150 -34.22 -22.65 -1.88
CA PHE D 150 -32.98 -22.05 -2.36
C PHE D 150 -31.92 -22.09 -1.26
N ARG D 151 -30.74 -22.59 -1.58
CA ARG D 151 -29.64 -22.63 -0.63
C ARG D 151 -29.07 -21.23 -0.42
N VAL D 152 -29.12 -20.42 -1.47
CA VAL D 152 -28.34 -19.20 -1.52
C VAL D 152 -29.10 -18.06 -2.19
N VAL D 153 -28.94 -16.85 -1.66
CA VAL D 153 -29.51 -15.64 -2.25
C VAL D 153 -28.39 -14.72 -2.75
N ALA D 154 -28.57 -14.16 -3.95
CA ALA D 154 -27.62 -13.19 -4.47
C ALA D 154 -28.27 -11.80 -4.52
N THR D 155 -27.56 -10.79 -4.04
CA THR D 155 -28.01 -9.39 -4.13
C THR D 155 -27.01 -8.57 -4.96
N GLY D 156 -27.47 -7.44 -5.48
CA GLY D 156 -26.67 -6.66 -6.41
C GLY D 156 -25.68 -5.65 -5.83
N HIS D 157 -25.38 -5.77 -4.55
CA HIS D 157 -24.46 -4.82 -3.88
C HIS D 157 -23.09 -4.78 -4.55
N ASN D 158 -22.65 -3.58 -4.92
CA ASN D 158 -21.36 -3.39 -5.58
C ASN D 158 -20.30 -2.82 -4.63
N LEU D 159 -19.12 -2.50 -5.18
CA LEU D 159 -17.99 -2.02 -4.37
C LEU D 159 -18.31 -0.76 -3.60
N ASP D 160 -18.96 0.20 -4.25
CA ASP D 160 -19.32 1.44 -3.59
C ASP D 160 -20.25 1.15 -2.41
N ASP D 161 -21.26 0.31 -2.64
CA ASP D 161 -22.17 -0.11 -1.58
C ASP D 161 -21.43 -0.69 -0.39
N GLU D 162 -20.60 -1.69 -0.64
CA GLU D 162 -19.88 -2.39 0.42
C GLU D 162 -18.82 -1.51 1.09
N ALA D 163 -18.14 -0.67 0.32
CA ALA D 163 -17.14 0.22 0.88
C ALA D 163 -17.82 1.25 1.79
N ALA D 164 -18.94 1.80 1.31
CA ALA D 164 -19.74 2.74 2.09
C ALA D 164 -20.27 2.14 3.39
N VAL D 165 -20.72 0.89 3.34
CA VAL D 165 -21.23 0.20 4.53
C VAL D 165 -20.11 0.04 5.55
N LEU D 166 -18.93 -0.35 5.06
CA LEU D 166 -17.76 -0.49 5.92
C LEU D 166 -17.34 0.85 6.49
N PHE D 167 -17.29 1.87 5.64
CA PHE D 167 -16.92 3.22 6.07
C PHE D 167 -17.92 3.69 7.12
N GLY D 168 -19.21 3.45 6.84
CA GLY D 168 -20.27 3.78 7.77
C GLY D 168 -20.13 3.14 9.14
N ASN D 169 -19.73 1.88 9.17
CA ASN D 169 -19.57 1.16 10.44
C ASN D 169 -18.40 1.67 11.26
N LEU D 170 -17.37 2.17 10.58
CA LEU D 170 -16.20 2.71 11.26
C LEU D 170 -16.50 4.11 11.83
N LEU D 171 -17.33 4.86 11.11
CA LEU D 171 -17.72 6.21 11.50
C LEU D 171 -18.78 6.19 12.60
N ASN D 172 -19.52 5.08 12.66
CA ASN D 172 -20.57 4.91 13.67
C ASN D 172 -20.47 3.52 14.30
N PRO D 173 -19.50 3.33 15.20
CA PRO D 173 -19.27 2.02 15.83
C PRO D 173 -20.46 1.53 16.65
N LEU D 178 -22.43 -3.51 13.86
CA LEU D 178 -21.38 -4.45 14.23
C LEU D 178 -21.15 -5.47 13.12
N SER D 179 -20.14 -5.22 12.29
CA SER D 179 -19.84 -6.08 11.15
C SER D 179 -18.33 -6.27 10.99
N ARG D 180 -17.79 -7.49 10.90
CA ARG D 180 -18.43 -8.82 11.05
C ARG D 180 -19.40 -9.24 9.92
N GLN D 181 -19.60 -8.38 8.93
CA GLN D 181 -20.36 -8.77 7.74
C GLN D 181 -19.51 -8.56 6.47
N GLY D 182 -19.80 -9.35 5.44
CA GLY D 182 -18.97 -9.38 4.24
C GLY D 182 -19.68 -9.89 3.01
N PRO D 183 -18.93 -10.13 1.93
CA PRO D 183 -19.45 -10.55 0.62
C PRO D 183 -20.05 -11.97 0.60
N VAL D 184 -19.68 -12.80 1.55
CA VAL D 184 -20.23 -14.15 1.65
C VAL D 184 -20.63 -14.47 3.07
N LEU D 185 -21.94 -14.66 3.29
CA LEU D 185 -22.45 -15.02 4.61
C LEU D 185 -22.93 -16.46 4.62
N PRO D 186 -22.44 -17.26 5.58
CA PRO D 186 -22.68 -18.71 5.62
C PRO D 186 -24.14 -19.08 5.83
N GLU D 187 -24.50 -20.28 5.38
CA GLU D 187 -25.83 -20.81 5.56
C GLU D 187 -26.02 -21.35 6.98
N LYS D 188 -27.22 -21.15 7.51
CA LYS D 188 -27.59 -21.66 8.83
C LYS D 188 -28.99 -22.29 8.73
N PRO D 189 -29.40 -23.06 9.75
CA PRO D 189 -30.79 -23.53 9.74
C PRO D 189 -31.79 -22.37 9.69
N GLY D 190 -32.72 -22.42 8.75
CA GLY D 190 -33.70 -21.36 8.59
C GLY D 190 -33.14 -20.08 8.01
N LEU D 191 -31.88 -20.10 7.61
CA LEU D 191 -31.22 -18.93 7.04
C LEU D 191 -30.46 -19.28 5.76
N ALA D 192 -30.90 -18.75 4.63
CA ALA D 192 -30.22 -19.00 3.37
C ALA D 192 -28.86 -18.31 3.35
N ALA D 193 -27.95 -18.84 2.55
CA ALA D 193 -26.65 -18.22 2.34
C ALA D 193 -26.83 -16.93 1.54
N ARG D 194 -26.02 -15.92 1.86
CA ARG D 194 -26.10 -14.64 1.17
C ARG D 194 -24.78 -14.26 0.51
N VAL D 195 -24.81 -13.99 -0.78
CA VAL D 195 -23.59 -13.66 -1.51
C VAL D 195 -23.75 -12.41 -2.36
N LYS D 196 -22.64 -11.71 -2.55
CA LYS D 196 -22.61 -10.49 -3.33
C LYS D 196 -21.55 -10.58 -4.42
N PRO D 197 -21.92 -11.17 -5.58
CA PRO D 197 -21.01 -11.38 -6.71
C PRO D 197 -20.43 -10.10 -7.31
N PHE D 198 -21.12 -8.98 -7.16
CA PHE D 198 -20.70 -7.71 -7.77
C PHE D 198 -19.86 -6.84 -6.85
N TYR D 199 -19.50 -7.36 -5.68
CA TYR D 199 -18.86 -6.55 -4.65
C TYR D 199 -17.49 -5.99 -5.07
N ARG D 200 -16.90 -6.55 -6.12
CA ARG D 200 -15.62 -6.08 -6.66
C ARG D 200 -15.78 -4.93 -7.64
N PHE D 201 -16.98 -4.78 -8.19
CA PHE D 201 -17.20 -3.76 -9.22
C PHE D 201 -17.66 -2.43 -8.62
N SER D 202 -17.11 -1.34 -9.13
CA SER D 202 -17.61 -0.01 -8.79
C SER D 202 -18.97 0.19 -9.44
N GLU D 203 -19.75 1.15 -8.93
CA GLU D 203 -21.05 1.46 -9.51
C GLU D 203 -20.91 1.86 -10.98
N ARG D 204 -19.83 2.55 -11.30
CA ARG D 204 -19.60 3.02 -12.67
C ARG D 204 -19.41 1.84 -13.60
N GLU D 205 -18.68 0.83 -13.12
CA GLU D 205 -18.42 -0.36 -13.91
C GLU D 205 -19.69 -1.18 -14.17
N VAL D 206 -20.55 -1.29 -13.16
CA VAL D 206 -21.81 -2.02 -13.31
C VAL D 206 -22.76 -1.28 -14.26
N LEU D 207 -22.84 0.03 -14.10
CA LEU D 207 -23.67 0.85 -14.99
C LEU D 207 -23.19 0.74 -16.43
N SER D 208 -21.88 0.65 -16.61
CA SER D 208 -21.29 0.50 -17.95
C SER D 208 -21.72 -0.81 -18.59
N TYR D 209 -21.73 -1.87 -17.79
CA TYR D 209 -22.18 -3.17 -18.27
C TYR D 209 -23.66 -3.13 -18.65
N THR D 210 -24.47 -2.56 -17.77
CA THR D 210 -25.91 -2.47 -18.00
C THR D 210 -26.24 -1.70 -19.28
N LEU D 211 -25.51 -0.61 -19.51
CA LEU D 211 -25.75 0.23 -20.67
C LEU D 211 -25.35 -0.47 -21.97
N LEU D 212 -24.24 -1.19 -21.94
CA LEU D 212 -23.72 -1.87 -23.12
C LEU D 212 -24.52 -3.13 -23.44
N ARG D 213 -25.14 -3.70 -22.41
CA ARG D 213 -25.98 -4.89 -22.58
C ARG D 213 -27.35 -4.55 -23.11
N GLY D 214 -27.71 -3.27 -23.02
CA GLY D 214 -29.01 -2.80 -23.47
C GLY D 214 -30.11 -3.12 -22.49
N ILE D 215 -29.73 -3.44 -21.26
CA ILE D 215 -30.70 -3.74 -20.21
C ILE D 215 -31.46 -2.48 -19.80
N ARG D 216 -32.79 -2.53 -19.87
CA ARG D 216 -33.61 -1.41 -19.42
C ARG D 216 -33.86 -1.54 -17.93
N TYR D 217 -33.37 -0.57 -17.17
CA TYR D 217 -33.51 -0.56 -15.73
C TYR D 217 -34.27 0.66 -15.25
N LEU D 218 -34.55 0.73 -13.96
CA LEU D 218 -35.25 1.88 -13.40
C LEU D 218 -34.25 2.95 -13.02
N HIS D 219 -34.35 4.11 -13.67
CA HIS D 219 -33.38 5.19 -13.48
C HIS D 219 -33.63 5.98 -12.20
N GLU D 220 -34.90 6.20 -11.87
CA GLU D 220 -35.26 7.00 -10.71
C GLU D 220 -34.88 6.34 -9.38
N GLU D 221 -34.37 7.15 -8.46
CA GLU D 221 -34.07 6.72 -7.10
C GLU D 221 -35.33 6.74 -6.23
N CYS D 222 -35.33 5.92 -5.18
CA CYS D 222 -36.43 5.92 -4.21
C CYS D 222 -36.56 7.28 -3.53
N PRO D 223 -37.80 7.74 -3.32
CA PRO D 223 -38.10 9.01 -2.64
C PRO D 223 -37.42 9.14 -1.28
N ASN D 224 -37.24 8.02 -0.59
CA ASN D 224 -36.66 8.05 0.75
C ASN D 224 -35.14 8.01 0.73
N ALA D 225 -34.55 7.87 -0.46
CA ALA D 225 -33.11 7.71 -0.60
C ALA D 225 -32.37 9.04 -0.46
N LYS D 226 -33.06 10.15 -0.73
CA LYS D 226 -32.42 11.45 -0.64
C LYS D 226 -32.04 11.78 0.80
N GLY D 227 -30.79 12.16 1.00
CA GLY D 227 -30.30 12.46 2.33
C GLY D 227 -29.73 11.26 3.06
N ALA D 228 -29.68 10.12 2.36
CA ALA D 228 -29.14 8.89 2.94
C ALA D 228 -27.68 9.06 3.34
N LYS D 229 -27.34 8.58 4.54
CA LYS D 229 -25.97 8.60 5.01
C LYS D 229 -25.04 7.87 4.05
N SER D 230 -25.55 6.81 3.41
CA SER D 230 -24.72 6.00 2.52
C SER D 230 -24.24 6.83 1.33
N LEU D 231 -25.09 7.74 0.86
CA LEU D 231 -24.71 8.66 -0.22
C LEU D 231 -23.56 9.56 0.17
N LEU D 232 -23.55 9.98 1.43
CA LEU D 232 -22.46 10.81 1.96
C LEU D 232 -21.16 10.01 1.99
N TYR D 233 -21.25 8.75 2.41
CA TYR D 233 -20.08 7.89 2.50
C TYR D 233 -19.46 7.62 1.13
N LYS D 234 -20.32 7.38 0.13
CA LYS D 234 -19.85 7.11 -1.21
C LYS D 234 -19.18 8.35 -1.81
N GLU D 235 -19.80 9.50 -1.62
CA GLU D 235 -19.24 10.76 -2.14
C GLU D 235 -17.83 10.99 -1.62
N ALA D 236 -17.63 10.74 -0.33
CA ALA D 236 -16.32 10.86 0.29
C ALA D 236 -15.34 9.86 -0.29
N LEU D 237 -15.75 8.59 -0.36
CA LEU D 237 -14.88 7.53 -0.87
C LEU D 237 -14.53 7.72 -2.35
N ASN D 238 -15.48 8.19 -3.14
CA ASN D 238 -15.25 8.46 -4.55
C ASN D 238 -14.46 9.76 -4.78
N LEU D 239 -14.37 10.58 -3.74
CA LEU D 239 -13.50 11.74 -3.78
C LEU D 239 -12.05 11.25 -3.71
N VAL D 240 -11.82 10.28 -2.83
CA VAL D 240 -10.51 9.67 -2.69
C VAL D 240 -10.14 8.86 -3.93
N GLU D 241 -11.10 8.06 -4.40
CA GLU D 241 -10.91 7.17 -5.54
C GLU D 241 -10.50 7.93 -6.80
N ARG D 242 -11.04 9.12 -6.98
CA ARG D 242 -10.73 9.96 -8.13
C ARG D 242 -9.23 10.23 -8.22
N SER D 243 -8.65 10.69 -7.12
CA SER D 243 -7.23 11.01 -7.08
C SER D 243 -6.38 9.79 -6.75
N MET D 244 -7.02 8.73 -6.27
CA MET D 244 -6.30 7.50 -5.94
C MET D 244 -7.06 6.27 -6.44
N PRO D 245 -6.89 5.93 -7.73
CA PRO D 245 -7.58 4.80 -8.34
C PRO D 245 -7.32 3.48 -7.61
N GLY D 246 -8.39 2.76 -7.31
CA GLY D 246 -8.29 1.47 -6.64
C GLY D 246 -8.36 1.57 -5.12
N ALA D 247 -8.61 2.78 -4.62
CA ALA D 247 -8.67 2.99 -3.17
C ALA D 247 -9.79 2.20 -2.51
N LYS D 248 -10.98 2.26 -3.08
CA LYS D 248 -12.14 1.56 -2.51
C LYS D 248 -11.87 0.07 -2.39
N LEU D 249 -11.36 -0.52 -3.48
CA LEU D 249 -11.02 -1.94 -3.51
C LEU D 249 -9.99 -2.28 -2.44
N ARG D 250 -8.90 -1.52 -2.38
CA ARG D 250 -7.87 -1.74 -1.36
C ARG D 250 -8.45 -1.56 0.03
N PHE D 251 -9.36 -0.60 0.16
CA PHE D 251 -10.06 -0.34 1.42
C PHE D 251 -10.89 -1.56 1.82
N LEU D 252 -11.75 -2.01 0.91
CA LEU D 252 -12.66 -3.11 1.22
C LEU D 252 -11.91 -4.44 1.39
N ASP D 253 -11.09 -4.82 0.41
CA ASP D 253 -10.32 -6.06 0.50
C ASP D 253 -9.36 -6.06 1.69
N GLY D 254 -8.73 -4.92 1.91
CA GLY D 254 -7.83 -4.75 3.05
C GLY D 254 -8.49 -5.07 4.37
N PHE D 255 -9.71 -4.57 4.56
CA PHE D 255 -10.45 -4.84 5.78
C PHE D 255 -10.78 -6.32 5.94
N LEU D 256 -11.34 -6.90 4.88
CA LEU D 256 -11.76 -8.30 4.89
C LEU D 256 -10.62 -9.26 5.19
N GLU D 257 -9.51 -9.10 4.47
CA GLU D 257 -8.38 -10.03 4.57
C GLU D 257 -7.48 -9.82 5.79
N LYS D 258 -7.39 -8.58 6.26
CA LYS D 258 -6.46 -8.22 7.32
C LYS D 258 -7.16 -8.00 8.66
N ILE D 259 -8.06 -7.01 8.71
CA ILE D 259 -8.68 -6.58 9.96
C ILE D 259 -9.84 -7.44 10.44
N ARG D 260 -10.73 -7.83 9.53
CA ARG D 260 -11.96 -8.55 9.89
C ARG D 260 -11.75 -9.84 10.70
N PRO D 261 -10.78 -10.70 10.34
CA PRO D 261 -10.60 -11.92 11.13
C PRO D 261 -10.25 -11.67 12.59
N ARG D 262 -9.54 -10.57 12.87
CA ARG D 262 -9.14 -10.26 14.24
C ARG D 262 -10.31 -9.72 15.07
N LEU D 263 -11.44 -9.49 14.43
CA LEU D 263 -12.61 -8.97 15.12
C LEU D 263 -13.43 -10.10 15.74
N ALA D 270 -26.29 -17.47 19.71
CA ALA D 270 -26.57 -17.84 18.32
C ALA D 270 -26.63 -19.36 18.18
N LEU D 271 -27.70 -19.86 17.55
CA LEU D 271 -28.77 -19.03 17.01
C LEU D 271 -30.14 -19.62 17.34
N ARG D 272 -31.04 -18.78 17.85
CA ARG D 272 -32.32 -19.25 18.37
C ARG D 272 -33.39 -19.40 17.29
N GLU D 273 -34.63 -19.66 17.73
CA GLU D 273 -35.75 -19.89 16.82
C GLU D 273 -36.97 -19.09 17.27
N CYS D 274 -37.65 -18.44 16.33
CA CYS D 274 -38.79 -17.58 16.66
C CYS D 274 -39.99 -18.39 17.14
N GLU D 275 -40.65 -17.90 18.19
CA GLU D 275 -41.82 -18.59 18.74
C GLU D 275 -43.05 -18.39 17.85
N ARG D 276 -42.94 -17.48 16.89
CA ARG D 276 -44.06 -17.18 16.00
C ARG D 276 -43.88 -17.78 14.61
N CYS D 277 -42.89 -17.29 13.88
CA CYS D 277 -42.65 -17.75 12.51
C CYS D 277 -41.63 -18.88 12.41
N GLY D 278 -40.91 -19.15 13.49
CA GLY D 278 -39.91 -20.20 13.51
C GLY D 278 -38.59 -19.86 12.85
N TYR D 279 -38.44 -18.61 12.41
CA TYR D 279 -37.22 -18.17 11.73
C TYR D 279 -36.18 -17.65 12.74
N PRO D 280 -34.89 -17.61 12.35
CA PRO D 280 -33.80 -17.27 13.27
C PRO D 280 -33.94 -15.92 13.98
N THR D 281 -33.60 -15.90 15.26
CA THR D 281 -33.50 -14.66 16.02
C THR D 281 -32.59 -14.88 17.23
N THR D 282 -32.27 -13.82 17.97
CA THR D 282 -31.55 -13.96 19.22
C THR D 282 -32.47 -13.90 20.43
N GLY D 283 -33.75 -13.60 20.18
CA GLY D 283 -34.73 -13.48 21.24
C GLY D 283 -35.76 -14.60 21.22
N ALA D 284 -36.89 -14.35 21.89
CA ALA D 284 -38.02 -15.25 21.81
C ALA D 284 -38.79 -15.02 20.51
N VAL D 285 -38.98 -13.75 20.17
CA VAL D 285 -39.68 -13.36 18.95
C VAL D 285 -38.80 -12.45 18.09
N CYS D 286 -38.68 -12.77 16.81
CA CYS D 286 -37.77 -12.03 15.92
C CYS D 286 -38.25 -10.60 15.68
N ALA D 287 -37.33 -9.74 15.25
CA ALA D 287 -37.61 -8.33 15.05
C ALA D 287 -38.72 -8.09 14.01
N PHE D 288 -38.77 -8.95 12.99
CA PHE D 288 -39.80 -8.86 11.95
C PHE D 288 -41.18 -9.02 12.57
N CYS D 289 -41.36 -10.10 13.31
CA CYS D 289 -42.64 -10.40 13.95
C CYS D 289 -42.99 -9.37 15.03
N ARG D 290 -41.98 -8.93 15.79
CA ARG D 290 -42.21 -7.89 16.79
C ARG D 290 -42.68 -6.60 16.12
N MET D 291 -42.15 -6.31 14.94
CA MET D 291 -42.52 -5.09 14.21
C MET D 291 -43.99 -5.13 13.79
N TRP D 292 -44.42 -6.24 13.19
CA TRP D 292 -45.80 -6.35 12.72
C TRP D 292 -46.80 -6.46 13.87
N ASP D 293 -46.36 -7.00 14.99
CA ASP D 293 -47.19 -7.02 16.19
C ASP D 293 -47.46 -5.59 16.67
N ALA D 294 -46.43 -4.75 16.67
CA ALA D 294 -46.58 -3.35 17.08
C ALA D 294 -47.42 -2.59 16.06
N VAL D 295 -47.19 -2.87 14.79
CA VAL D 295 -47.93 -2.24 13.71
C VAL D 295 -49.41 -2.55 13.82
N TYR D 296 -49.74 -3.83 13.98
CA TYR D 296 -51.13 -4.25 14.09
C TYR D 296 -51.80 -3.64 15.31
N ARG D 297 -51.07 -3.58 16.42
CA ARG D 297 -51.60 -3.00 17.65
C ARG D 297 -51.98 -1.53 17.46
N ARG D 298 -51.09 -0.75 16.85
CA ARG D 298 -51.37 0.66 16.62
C ARG D 298 -52.38 0.86 15.49
N ALA D 299 -52.38 -0.05 14.51
CA ALA D 299 -53.34 0.02 13.42
C ALA D 299 -54.76 -0.15 13.95
N LYS D 300 -54.94 -1.04 14.93
CA LYS D 300 -56.23 -1.25 15.57
C LYS D 300 -56.72 0.01 16.29
N LYS D 301 -55.80 0.73 16.93
CA LYS D 301 -56.13 1.99 17.58
C LYS D 301 -56.64 3.03 16.59
N ARG D 302 -56.05 3.05 15.40
CA ARG D 302 -56.41 4.03 14.38
C ARG D 302 -57.61 3.54 13.56
N LYS D 303 -58.14 2.39 13.95
CA LYS D 303 -59.25 1.75 13.25
C LYS D 303 -58.88 1.41 11.80
N LEU D 304 -57.60 1.12 11.57
CA LEU D 304 -57.15 0.71 10.25
C LEU D 304 -57.17 -0.83 10.13
N LEU D 305 -57.37 -1.51 11.25
CA LEU D 305 -57.40 -2.97 11.29
C LEU D 305 -58.50 -3.42 12.25
N PRO D 306 -59.16 -4.56 11.93
CA PRO D 306 -60.19 -5.14 12.79
C PRO D 306 -59.66 -5.46 14.17
N GLU D 307 -60.47 -5.23 15.19
CA GLU D 307 -60.02 -5.40 16.57
C GLU D 307 -59.67 -6.83 16.92
N GLU D 308 -60.50 -7.81 16.52
CA GLU D 308 -60.15 -9.18 16.87
C GLU D 308 -59.49 -9.82 15.68
N VAL D 309 -58.17 -9.77 15.70
CA VAL D 309 -57.32 -10.29 14.65
C VAL D 309 -55.95 -10.52 15.26
N SER D 310 -55.26 -11.55 14.81
CA SER D 310 -53.88 -11.74 15.25
C SER D 310 -52.99 -11.75 14.02
N PHE D 311 -51.74 -11.32 14.19
CA PHE D 311 -50.78 -11.46 13.12
C PHE D 311 -50.26 -12.90 13.15
N ARG D 312 -50.54 -13.64 12.08
CA ARG D 312 -50.00 -14.98 11.95
C ARG D 312 -49.11 -15.08 10.71
N PRO D 313 -47.79 -15.10 10.92
CA PRO D 313 -46.85 -15.21 9.80
C PRO D 313 -46.76 -16.64 9.28
N ARG D 314 -46.35 -16.80 8.04
CA ARG D 314 -46.10 -18.14 7.50
C ARG D 314 -44.94 -18.75 8.26
N VAL D 315 -45.15 -19.94 8.81
CA VAL D 315 -44.14 -20.58 9.65
C VAL D 315 -43.13 -21.33 8.80
N LYS D 316 -41.86 -21.30 9.22
CA LYS D 316 -40.81 -22.03 8.52
C LYS D 316 -41.09 -23.53 8.49
N PRO D 317 -41.09 -24.12 7.27
CA PRO D 317 -41.29 -25.56 7.12
C PRO D 317 -40.10 -26.37 7.63
N LEU D 318 -40.33 -27.63 7.96
CA LEU D 318 -39.25 -28.53 8.36
C LEU D 318 -39.20 -29.76 7.48
N ARG E 11 29.89 -7.58 -38.90
CA ARG E 11 30.74 -8.32 -37.99
C ARG E 11 30.02 -8.63 -36.67
N VAL E 12 30.07 -9.90 -36.25
CA VAL E 12 29.50 -10.31 -34.98
C VAL E 12 30.53 -11.04 -34.13
N VAL E 13 30.91 -10.43 -33.01
CA VAL E 13 31.83 -11.06 -32.06
C VAL E 13 31.04 -12.01 -31.16
N LEU E 14 31.48 -13.24 -31.06
CA LEU E 14 30.70 -14.28 -30.40
C LEU E 14 31.16 -14.60 -28.98
N ARG E 15 30.19 -14.96 -28.13
CA ARG E 15 30.45 -15.38 -26.76
C ARG E 15 30.68 -16.90 -26.73
N LEU E 16 31.57 -17.38 -25.86
CA LEU E 16 32.44 -16.52 -25.04
C LEU E 16 33.85 -16.81 -25.51
N PRO E 17 34.64 -15.80 -25.87
CA PRO E 17 35.95 -16.14 -26.46
C PRO E 17 36.88 -16.81 -25.45
N GLU E 18 37.52 -17.90 -25.85
CA GLU E 18 37.02 -18.69 -26.96
C GLU E 18 36.72 -17.76 -28.13
N ARG E 19 37.63 -16.85 -28.44
CA ARG E 19 37.27 -15.79 -29.36
C ARG E 19 36.83 -16.40 -30.68
N LYS E 20 35.67 -15.94 -31.15
CA LYS E 20 35.13 -16.37 -32.44
C LYS E 20 34.45 -15.22 -33.19
N GLU E 21 34.52 -15.25 -34.51
CA GLU E 21 33.90 -14.21 -35.34
C GLU E 21 33.04 -14.78 -36.47
N VAL E 22 31.85 -14.19 -36.67
CA VAL E 22 30.99 -14.55 -37.80
C VAL E 22 30.32 -13.32 -38.38
N GLU E 23 29.97 -13.37 -39.67
CA GLU E 23 29.25 -12.25 -40.28
C GLU E 23 28.01 -12.70 -41.02
N VAL E 24 26.93 -11.95 -40.86
CA VAL E 24 25.65 -12.28 -41.50
C VAL E 24 25.00 -11.03 -42.11
N LYS E 25 23.97 -11.25 -42.92
CA LYS E 25 23.26 -10.15 -43.57
C LYS E 25 22.53 -9.25 -42.57
N GLY E 26 22.43 -7.97 -42.90
CA GLY E 26 21.80 -6.99 -42.03
C GLY E 26 20.38 -6.64 -42.40
N ASN E 27 20.01 -5.38 -42.15
CA ASN E 27 18.68 -4.82 -42.44
C ASN E 27 17.53 -5.70 -41.94
N ARG E 28 17.72 -6.32 -40.78
CA ARG E 28 16.69 -7.16 -40.19
C ARG E 28 16.73 -7.05 -38.66
N PRO E 29 15.58 -7.25 -38.00
CA PRO E 29 15.48 -7.18 -36.53
C PRO E 29 16.39 -8.17 -35.83
N LEU E 30 16.69 -7.90 -34.56
CA LEU E 30 17.59 -8.75 -33.78
C LEU E 30 17.01 -10.15 -33.56
N ARG E 31 15.69 -10.26 -33.62
CA ARG E 31 15.02 -11.54 -33.41
C ARG E 31 15.39 -12.55 -34.49
N GLU E 32 15.62 -12.05 -35.71
CA GLU E 32 15.94 -12.91 -36.84
C GLU E 32 17.40 -13.37 -36.85
N VAL E 33 18.32 -12.46 -36.50
CA VAL E 33 19.75 -12.76 -36.55
C VAL E 33 20.16 -13.74 -35.44
N LEU E 34 19.38 -13.77 -34.36
CA LEU E 34 19.65 -14.71 -33.27
C LEU E 34 19.13 -16.10 -33.63
N GLU E 35 18.05 -16.15 -34.40
CA GLU E 35 17.48 -17.43 -34.83
C GLU E 35 18.38 -18.09 -35.87
N GLU E 36 18.98 -17.28 -36.74
CA GLU E 36 19.90 -17.78 -37.74
C GLU E 36 21.15 -18.34 -37.10
N LEU E 37 21.63 -17.67 -36.06
CA LEU E 37 22.78 -18.14 -35.29
C LEU E 37 22.36 -19.25 -34.32
N GLY E 38 21.06 -19.46 -34.19
CA GLY E 38 20.52 -20.48 -33.31
C GLY E 38 20.80 -20.18 -31.85
N LEU E 39 20.50 -18.95 -31.43
CA LEU E 39 20.76 -18.52 -30.07
C LEU E 39 19.47 -18.18 -29.34
N ASN E 40 19.28 -18.78 -28.16
CA ASN E 40 18.14 -18.48 -27.31
C ASN E 40 18.27 -17.06 -26.76
N PRO E 41 17.26 -16.21 -27.03
CA PRO E 41 17.23 -14.83 -26.56
C PRO E 41 17.37 -14.70 -25.04
N GLU E 42 17.01 -15.74 -24.30
CA GLU E 42 17.11 -15.73 -22.84
C GLU E 42 18.54 -15.94 -22.36
N THR E 43 19.36 -16.59 -23.17
CA THR E 43 20.72 -16.93 -22.76
C THR E 43 21.78 -15.93 -23.25
N VAL E 44 21.35 -14.92 -24.01
CA VAL E 44 22.30 -13.97 -24.61
C VAL E 44 21.86 -12.52 -24.47
N VAL E 45 22.85 -11.62 -24.54
CA VAL E 45 22.61 -10.18 -24.54
C VAL E 45 23.40 -9.51 -25.67
N ALA E 46 22.70 -8.88 -26.60
CA ALA E 46 23.34 -8.25 -27.75
C ALA E 46 23.76 -6.82 -27.44
N VAL E 47 25.04 -6.52 -27.69
CA VAL E 47 25.59 -5.20 -27.39
C VAL E 47 26.15 -4.51 -28.64
N ARG E 48 25.55 -3.40 -29.01
CA ARG E 48 26.07 -2.58 -30.11
C ARG E 48 26.70 -1.32 -29.54
N GLY E 49 28.02 -1.23 -29.61
CA GLY E 49 28.75 -0.16 -28.95
C GLY E 49 28.61 -0.30 -27.44
N GLU E 50 28.16 0.76 -26.78
CA GLU E 50 27.86 0.72 -25.36
C GLU E 50 26.38 0.48 -25.10
N GLU E 51 25.61 0.32 -26.17
CA GLU E 51 24.15 0.20 -26.06
C GLU E 51 23.69 -1.26 -26.17
N LEU E 52 22.72 -1.62 -25.33
CA LEU E 52 22.09 -2.93 -25.40
C LEU E 52 20.98 -2.92 -26.45
N LEU E 53 20.80 -4.05 -27.14
CA LEU E 53 19.79 -4.15 -28.19
C LEU E 53 18.66 -5.10 -27.82
N THR E 54 17.43 -4.60 -27.89
CA THR E 54 16.24 -5.42 -27.70
C THR E 54 16.00 -6.29 -28.93
N LEU E 55 15.20 -7.35 -28.76
CA LEU E 55 14.90 -8.27 -29.85
C LEU E 55 14.24 -7.57 -31.04
N GLU E 56 13.56 -6.45 -30.78
CA GLU E 56 12.85 -5.72 -31.82
C GLU E 56 13.72 -4.64 -32.47
N ASP E 57 14.91 -4.39 -31.92
CA ASP E 57 15.80 -3.36 -32.43
C ASP E 57 16.30 -3.68 -33.84
N GLU E 58 16.48 -2.64 -34.64
CA GLU E 58 16.94 -2.80 -36.02
C GLU E 58 18.46 -2.94 -36.09
N VAL E 59 18.93 -3.84 -36.94
CA VAL E 59 20.36 -4.06 -37.11
C VAL E 59 20.81 -3.63 -38.51
N ARG E 60 21.59 -2.55 -38.56
CA ARG E 60 22.13 -2.06 -39.84
C ARG E 60 23.18 -3.02 -40.39
N GLU E 61 23.41 -2.95 -41.69
CA GLU E 61 24.46 -3.74 -42.33
C GLU E 61 25.82 -3.17 -41.95
N GLU E 62 25.86 -1.88 -41.66
CA GLU E 62 27.09 -1.19 -41.28
C GLU E 62 27.46 -1.41 -39.82
N ASP E 63 26.46 -1.81 -39.02
CA ASP E 63 26.67 -1.97 -37.59
C ASP E 63 27.54 -3.19 -37.23
N THR E 64 28.34 -3.04 -36.20
CA THR E 64 29.14 -4.13 -35.67
C THR E 64 28.68 -4.47 -34.25
N LEU E 65 28.31 -5.73 -34.05
CA LEU E 65 27.71 -6.16 -32.79
C LEU E 65 28.59 -7.16 -32.04
N GLU E 66 28.43 -7.20 -30.72
CA GLU E 66 29.11 -8.19 -29.90
C GLU E 66 28.13 -8.84 -28.93
N VAL E 67 28.03 -10.16 -28.99
CA VAL E 67 27.11 -10.90 -28.13
C VAL E 67 27.86 -11.60 -27.00
N LEU E 68 27.29 -11.55 -25.80
CA LEU E 68 27.88 -12.18 -24.63
C LEU E 68 26.96 -13.24 -24.06
N SER E 69 27.54 -14.21 -23.36
CA SER E 69 26.76 -15.29 -22.76
C SER E 69 26.35 -14.97 -21.34
N ALA E 70 25.06 -15.07 -21.06
CA ALA E 70 24.55 -14.88 -19.72
C ALA E 70 24.71 -16.16 -18.90
N ILE E 71 24.93 -17.28 -19.59
CA ILE E 71 25.03 -18.58 -18.95
C ILE E 71 26.30 -18.72 -18.11
N SER E 72 26.12 -19.10 -16.85
CA SER E 72 27.25 -19.34 -15.94
C SER E 72 27.50 -20.83 -15.80
N GLY E 73 28.76 -21.24 -15.91
CA GLY E 73 29.12 -22.63 -15.84
C GLY E 73 28.97 -23.23 -14.46
N GLY E 74 29.34 -22.46 -13.44
CA GLY E 74 29.21 -22.91 -12.07
C GLY E 74 30.55 -23.23 -11.42
N VAL F 2 9.87 0.41 -25.77
CA VAL F 2 10.18 1.68 -25.12
C VAL F 2 10.03 1.57 -23.61
N CYS F 3 10.64 2.50 -22.88
CA CYS F 3 10.59 2.50 -21.42
C CYS F 3 9.19 2.82 -20.91
N LYS F 4 8.82 2.22 -19.78
CA LYS F 4 7.50 2.41 -19.20
C LYS F 4 7.35 3.81 -18.59
N VAL F 5 8.27 4.16 -17.69
CA VAL F 5 8.19 5.44 -16.98
C VAL F 5 8.73 6.61 -17.79
N CYS F 6 9.69 6.35 -18.68
CA CYS F 6 10.29 7.41 -19.49
C CYS F 6 9.62 7.53 -20.85
N GLY F 7 9.73 6.49 -21.66
CA GLY F 7 9.21 6.51 -23.02
C GLY F 7 10.30 6.53 -24.07
N GLN F 8 11.54 6.71 -23.64
CA GLN F 8 12.68 6.65 -24.56
C GLN F 8 12.94 5.21 -24.98
N LYS F 9 13.95 5.00 -25.83
CA LYS F 9 14.27 3.66 -26.30
C LYS F 9 14.71 2.77 -25.13
N ALA F 10 14.04 1.63 -24.99
CA ALA F 10 14.32 0.70 -23.91
C ALA F 10 15.57 -0.12 -24.21
N GLN F 11 16.48 -0.19 -23.23
CA GLN F 11 17.68 -1.01 -23.35
C GLN F 11 17.36 -2.47 -23.06
N VAL F 12 16.47 -2.69 -22.10
CA VAL F 12 16.09 -4.03 -21.68
C VAL F 12 14.58 -4.24 -21.77
N GLU F 13 14.17 -5.33 -22.41
CA GLU F 13 12.77 -5.71 -22.50
C GLU F 13 12.53 -7.05 -21.80
N MET F 14 11.66 -7.04 -20.79
CA MET F 14 11.35 -8.25 -20.05
C MET F 14 9.91 -8.69 -20.29
N ARG F 15 9.74 -9.77 -21.05
CA ARG F 15 8.41 -10.25 -21.40
C ARG F 15 7.77 -10.98 -20.23
N SER F 16 8.63 -11.52 -19.35
CA SER F 16 8.17 -12.25 -18.18
C SER F 16 7.39 -11.35 -17.22
N ARG F 17 7.92 -10.16 -16.98
CA ARG F 17 7.30 -9.22 -16.06
C ARG F 17 6.42 -8.20 -16.79
N GLY F 18 6.42 -8.27 -18.11
CA GLY F 18 5.69 -7.31 -18.92
C GLY F 18 6.18 -5.89 -18.70
N LEU F 19 7.51 -5.73 -18.68
CA LEU F 19 8.12 -4.45 -18.38
C LEU F 19 9.33 -4.17 -19.27
N ALA F 20 9.38 -2.96 -19.82
CA ALA F 20 10.52 -2.50 -20.60
C ALA F 20 11.00 -1.16 -20.08
N LEU F 21 12.32 -0.98 -19.97
CA LEU F 21 12.88 0.22 -19.38
C LEU F 21 14.15 0.66 -20.10
N CYS F 22 14.46 1.95 -20.02
CA CYS F 22 15.69 2.49 -20.58
C CYS F 22 16.84 2.21 -19.60
N ARG F 23 18.03 2.70 -19.92
CA ARG F 23 19.22 2.37 -19.14
C ARG F 23 19.12 2.77 -17.67
N GLU F 24 18.89 4.05 -17.42
CA GLU F 24 18.88 4.55 -16.04
C GLU F 24 17.70 4.02 -15.23
N HIS F 25 16.56 3.82 -15.90
CA HIS F 25 15.36 3.36 -15.20
C HIS F 25 15.38 1.87 -14.93
N TYR F 26 16.13 1.12 -15.74
CA TYR F 26 16.32 -0.30 -15.49
C TYR F 26 17.27 -0.48 -14.31
N LEU F 27 18.36 0.29 -14.32
CA LEU F 27 19.34 0.27 -13.23
C LEU F 27 18.69 0.61 -11.91
N ASP F 28 17.69 1.48 -11.95
CA ASP F 28 16.95 1.87 -10.77
C ASP F 28 16.02 0.75 -10.31
N TRP F 29 15.38 0.08 -11.26
CA TRP F 29 14.42 -0.97 -10.95
C TRP F 29 15.10 -2.23 -10.41
N PHE F 30 16.25 -2.56 -10.99
CA PHE F 30 17.02 -3.73 -10.58
C PHE F 30 17.43 -3.61 -9.11
N VAL F 31 17.94 -2.44 -8.74
CA VAL F 31 18.37 -2.18 -7.36
C VAL F 31 17.19 -2.22 -6.40
N LYS F 32 16.05 -1.66 -6.81
CA LYS F 32 14.86 -1.65 -5.96
C LYS F 32 14.26 -3.06 -5.82
N GLU F 33 14.34 -3.85 -6.88
CA GLU F 33 13.84 -5.23 -6.83
C GLU F 33 14.68 -6.09 -5.89
N THR F 34 15.99 -5.85 -5.88
CA THR F 34 16.88 -6.53 -4.95
C THR F 34 16.47 -6.24 -3.52
N GLU F 35 16.22 -4.97 -3.21
CA GLU F 35 15.77 -4.59 -1.88
C GLU F 35 14.44 -5.25 -1.56
N ARG F 36 13.59 -5.32 -2.58
CA ARG F 36 12.28 -5.92 -2.46
C ARG F 36 12.40 -7.41 -2.13
N ALA F 37 13.38 -8.07 -2.72
CA ALA F 37 13.63 -9.49 -2.43
C ALA F 37 14.22 -9.64 -1.03
N ILE F 38 15.08 -8.70 -0.63
CA ILE F 38 15.70 -8.74 0.69
C ILE F 38 14.67 -8.53 1.80
N ARG F 39 13.74 -7.61 1.58
CA ARG F 39 12.73 -7.29 2.58
C ARG F 39 11.73 -8.43 2.79
N ARG F 40 11.21 -8.99 1.70
CA ARG F 40 10.20 -10.03 1.76
C ARG F 40 10.67 -11.27 2.48
N HIS F 41 11.93 -11.66 2.23
CA HIS F 41 12.50 -12.84 2.85
C HIS F 41 13.35 -12.53 4.09
N ARG F 42 13.39 -11.26 4.47
CA ARG F 42 14.15 -10.82 5.65
C ARG F 42 15.61 -11.29 5.60
N MET F 43 16.25 -11.11 4.46
CA MET F 43 17.61 -11.60 4.26
C MET F 43 18.61 -10.84 5.12
N LEU F 44 18.47 -9.51 5.17
CA LEU F 44 19.41 -8.67 5.89
C LEU F 44 18.71 -7.60 6.75
N LEU F 45 19.36 -7.22 7.84
CA LEU F 45 18.96 -6.02 8.58
C LEU F 45 19.45 -4.80 7.80
N PRO F 46 18.65 -3.72 7.76
CA PRO F 46 19.10 -2.51 7.05
C PRO F 46 20.44 -1.99 7.59
N GLY F 47 21.38 -1.75 6.69
CA GLY F 47 22.69 -1.24 7.07
C GLY F 47 23.62 -2.28 7.69
N GLU F 48 23.20 -3.54 7.67
CA GLU F 48 23.98 -4.60 8.30
C GLU F 48 25.30 -4.86 7.60
N ARG F 49 26.30 -5.24 8.38
CA ARG F 49 27.54 -5.73 7.82
C ARG F 49 27.28 -7.12 7.23
N VAL F 50 27.58 -7.28 5.95
CA VAL F 50 27.36 -8.55 5.27
C VAL F 50 28.57 -8.95 4.44
N LEU F 51 29.01 -10.19 4.59
CA LEU F 51 30.12 -10.71 3.80
C LEU F 51 29.61 -11.16 2.43
N VAL F 52 30.17 -10.60 1.38
CA VAL F 52 29.77 -10.95 0.03
C VAL F 52 30.86 -11.79 -0.62
N ALA F 53 30.51 -12.99 -1.06
CA ALA F 53 31.49 -13.87 -1.69
C ALA F 53 31.60 -13.50 -3.16
N VAL F 54 32.78 -13.08 -3.57
CA VAL F 54 32.94 -12.51 -4.91
C VAL F 54 33.96 -13.30 -5.74
N SER F 55 33.47 -13.90 -6.82
CA SER F 55 34.31 -14.69 -7.71
C SER F 55 34.94 -13.84 -8.82
N GLY F 56 34.42 -12.62 -8.98
CA GLY F 56 34.85 -11.77 -10.06
C GLY F 56 33.94 -11.89 -11.27
N GLY F 57 32.96 -12.79 -11.17
CA GLY F 57 32.00 -12.98 -12.24
C GLY F 57 30.95 -11.87 -12.27
N LYS F 58 30.04 -11.94 -13.24
CA LYS F 58 29.04 -10.90 -13.43
C LYS F 58 28.07 -10.80 -12.26
N ASP F 59 27.72 -11.94 -11.65
CA ASP F 59 26.70 -11.96 -10.60
C ASP F 59 27.24 -11.44 -9.27
N SER F 60 28.40 -11.94 -8.86
CA SER F 60 28.94 -11.58 -7.55
C SER F 60 29.38 -10.12 -7.51
N LEU F 61 29.87 -9.59 -8.63
CA LEU F 61 30.29 -8.20 -8.70
C LEU F 61 29.07 -7.28 -8.69
N ALA F 62 28.03 -7.66 -9.43
CA ALA F 62 26.79 -6.91 -9.46
C ALA F 62 26.13 -6.90 -8.08
N LEU F 63 26.20 -8.02 -7.38
CA LEU F 63 25.64 -8.13 -6.03
C LEU F 63 26.38 -7.21 -5.07
N TRP F 64 27.71 -7.20 -5.17
CA TRP F 64 28.52 -6.35 -4.31
C TRP F 64 28.21 -4.87 -4.56
N ASP F 65 28.03 -4.53 -5.84
CA ASP F 65 27.65 -3.18 -6.21
C ASP F 65 26.28 -2.79 -5.67
N VAL F 66 25.31 -3.67 -5.83
CA VAL F 66 23.95 -3.38 -5.41
C VAL F 66 23.83 -3.25 -3.89
N LEU F 67 24.42 -4.21 -3.16
CA LEU F 67 24.34 -4.18 -1.70
C LEU F 67 25.02 -2.95 -1.12
N SER F 68 26.12 -2.52 -1.75
CA SER F 68 26.81 -1.31 -1.32
C SER F 68 25.92 -0.09 -1.56
N ARG F 69 25.27 -0.06 -2.73
CA ARG F 69 24.36 1.02 -3.09
C ARG F 69 23.13 1.07 -2.19
N LEU F 70 22.78 -0.07 -1.60
CA LEU F 70 21.60 -0.15 -0.75
C LEU F 70 21.90 0.27 0.70
N GLY F 71 23.15 0.62 0.96
CA GLY F 71 23.53 1.10 2.29
C GLY F 71 24.01 0.02 3.23
N TYR F 72 24.02 -1.22 2.78
CA TYR F 72 24.57 -2.30 3.60
C TYR F 72 26.07 -2.15 3.65
N GLN F 73 26.70 -2.58 4.75
CA GLN F 73 28.15 -2.53 4.77
C GLN F 73 28.64 -3.86 4.23
N ALA F 74 29.12 -3.83 3.00
CA ALA F 74 29.38 -5.05 2.26
C ALA F 74 30.88 -5.26 2.06
N VAL F 75 31.41 -6.24 2.79
CA VAL F 75 32.81 -6.60 2.68
C VAL F 75 32.92 -7.78 1.73
N GLY F 76 33.82 -7.67 0.77
CA GLY F 76 34.01 -8.73 -0.20
C GLY F 76 34.98 -9.78 0.31
N LEU F 77 34.74 -11.03 -0.11
CA LEU F 77 35.69 -12.11 0.18
C LEU F 77 35.96 -12.87 -1.11
N HIS F 78 37.22 -12.91 -1.50
CA HIS F 78 37.62 -13.70 -2.65
C HIS F 78 38.52 -14.83 -2.23
N ILE F 79 38.28 -16.01 -2.80
CA ILE F 79 39.13 -17.16 -2.55
C ILE F 79 39.92 -17.48 -3.81
N GLU F 80 41.23 -17.63 -3.67
CA GLU F 80 42.08 -18.00 -4.80
C GLU F 80 42.15 -19.52 -4.85
N LEU F 81 41.54 -20.08 -5.89
CA LEU F 81 41.36 -21.53 -5.97
C LEU F 81 42.58 -22.22 -6.58
N GLY F 82 43.51 -21.42 -7.09
CA GLY F 82 44.72 -21.94 -7.70
C GLY F 82 44.45 -22.76 -8.94
N ILE F 83 43.43 -22.37 -9.70
CA ILE F 83 43.09 -23.08 -10.93
C ILE F 83 43.58 -22.32 -12.15
N GLY F 84 44.64 -22.84 -12.76
CA GLY F 84 45.21 -22.28 -13.99
C GLY F 84 45.48 -20.78 -13.92
N GLU F 85 45.34 -20.13 -15.06
CA GLU F 85 45.45 -18.68 -15.12
C GLU F 85 44.10 -18.07 -14.76
N TYR F 86 43.07 -18.93 -14.79
CA TYR F 86 41.70 -18.52 -14.50
C TYR F 86 41.57 -17.90 -13.11
N SER F 87 42.08 -18.61 -12.10
CA SER F 87 42.05 -18.11 -10.73
C SER F 87 42.89 -16.84 -10.60
N LYS F 88 43.98 -16.78 -11.34
CA LYS F 88 44.87 -15.62 -11.30
C LYS F 88 44.16 -14.39 -11.87
N ARG F 89 43.49 -14.56 -13.00
CA ARG F 89 42.73 -13.48 -13.62
C ARG F 89 41.51 -13.11 -12.78
N SER F 90 40.94 -14.11 -12.13
CA SER F 90 39.75 -13.90 -11.30
C SER F 90 40.07 -13.00 -10.11
N LEU F 91 41.29 -13.13 -9.60
CA LEU F 91 41.73 -12.30 -8.48
C LEU F 91 41.98 -10.86 -8.93
N GLU F 92 42.51 -10.71 -10.14
CA GLU F 92 42.82 -9.38 -10.68
C GLU F 92 41.54 -8.58 -10.93
N VAL F 93 40.53 -9.23 -11.50
CA VAL F 93 39.26 -8.60 -11.78
C VAL F 93 38.58 -8.15 -10.48
N THR F 94 38.61 -9.02 -9.48
CA THR F 94 37.98 -8.74 -8.19
C THR F 94 38.69 -7.62 -7.44
N GLN F 95 40.02 -7.68 -7.40
CA GLN F 95 40.82 -6.65 -6.73
C GLN F 95 40.65 -5.29 -7.41
N ALA F 96 40.52 -5.30 -8.73
CA ALA F 96 40.30 -4.08 -9.49
C ALA F 96 38.95 -3.45 -9.14
N PHE F 97 37.93 -4.29 -9.05
CA PHE F 97 36.58 -3.83 -8.69
C PHE F 97 36.58 -3.20 -7.31
N ALA F 98 37.32 -3.80 -6.40
CA ALA F 98 37.40 -3.31 -5.03
C ALA F 98 38.15 -1.98 -4.95
N ARG F 99 39.16 -1.81 -5.79
CA ARG F 99 39.95 -0.59 -5.81
C ARG F 99 39.18 0.60 -6.35
N GLU F 100 38.50 0.41 -7.48
CA GLU F 100 37.76 1.48 -8.13
C GLU F 100 36.62 2.00 -7.25
N ARG F 101 36.00 1.11 -6.49
CA ARG F 101 34.89 1.49 -5.63
C ARG F 101 35.32 1.84 -4.21
N GLY F 102 36.59 1.60 -3.91
CA GLY F 102 37.11 1.82 -2.56
C GLY F 102 36.44 0.94 -1.51
N LEU F 103 36.25 -0.33 -1.85
CA LEU F 103 35.59 -1.28 -0.95
C LEU F 103 36.59 -2.26 -0.32
N GLU F 104 36.30 -2.69 0.90
CA GLU F 104 37.19 -3.61 1.61
C GLU F 104 37.10 -5.03 1.03
N LEU F 105 38.24 -5.57 0.61
CA LEU F 105 38.27 -6.92 0.05
C LEU F 105 39.16 -7.85 0.86
N LEU F 106 38.58 -8.92 1.38
CA LEU F 106 39.34 -9.95 2.07
C LEU F 106 39.72 -11.05 1.07
N VAL F 107 40.94 -11.57 1.20
CA VAL F 107 41.42 -12.60 0.29
C VAL F 107 42.01 -13.79 1.03
N VAL F 108 41.57 -14.99 0.66
CA VAL F 108 42.17 -16.22 1.16
C VAL F 108 42.72 -17.03 -0.02
N ASP F 109 44.03 -17.21 -0.04
CA ASP F 109 44.68 -18.03 -1.06
C ASP F 109 44.69 -19.48 -0.60
N LEU F 110 44.07 -20.37 -1.36
CA LEU F 110 43.91 -21.75 -0.95
C LEU F 110 45.25 -22.50 -0.90
N LYS F 111 46.01 -22.43 -1.98
CA LYS F 111 47.27 -23.15 -2.06
C LYS F 111 48.32 -22.58 -1.11
N GLU F 112 48.24 -21.28 -0.87
CA GLU F 112 49.20 -20.61 0.01
C GLU F 112 48.93 -20.94 1.48
N ALA F 113 47.65 -20.89 1.86
CA ALA F 113 47.26 -21.17 3.25
C ALA F 113 47.30 -22.65 3.58
N TYR F 114 46.67 -23.48 2.77
CA TYR F 114 46.51 -24.90 3.06
C TYR F 114 47.52 -25.81 2.37
N GLY F 115 48.39 -25.24 1.54
CA GLY F 115 49.45 -26.00 0.90
C GLY F 115 49.14 -26.53 -0.49
N PHE F 116 47.85 -26.65 -0.83
CA PHE F 116 47.46 -27.19 -2.13
C PHE F 116 46.26 -26.46 -2.72
N GLY F 117 46.20 -26.43 -4.05
CA GLY F 117 45.09 -25.80 -4.74
C GLY F 117 44.07 -26.83 -5.21
N VAL F 118 43.01 -26.35 -5.87
CA VAL F 118 41.95 -27.21 -6.37
C VAL F 118 42.43 -28.31 -7.35
N PRO F 119 43.32 -27.97 -8.30
CA PRO F 119 43.78 -29.07 -9.17
C PRO F 119 44.52 -30.15 -8.41
N GLU F 120 45.20 -29.77 -7.32
CA GLU F 120 45.89 -30.73 -6.47
C GLU F 120 44.90 -31.56 -5.64
N LEU F 121 43.80 -30.92 -5.24
CA LEU F 121 42.78 -31.61 -4.45
C LEU F 121 42.04 -32.65 -5.28
N ALA F 122 41.99 -32.44 -6.60
CA ALA F 122 41.36 -33.41 -7.49
C ALA F 122 42.16 -34.70 -7.53
N ARG F 123 43.47 -34.59 -7.30
CA ARG F 123 44.36 -35.74 -7.31
C ARG F 123 44.57 -36.31 -5.90
N LEU F 124 45.16 -35.50 -5.02
CA LEU F 124 45.51 -35.93 -3.66
C LEU F 124 44.31 -36.35 -2.84
N SER F 125 43.12 -35.90 -3.25
CA SER F 125 41.88 -36.31 -2.57
C SER F 125 40.99 -37.09 -3.53
N GLY F 126 40.19 -37.99 -2.96
CA GLY F 126 39.33 -38.84 -3.76
C GLY F 126 38.16 -38.13 -4.40
N ARG F 127 37.94 -36.88 -4.01
CA ARG F 127 36.83 -36.09 -4.53
C ARG F 127 37.11 -35.57 -5.93
N VAL F 128 36.05 -35.35 -6.70
CA VAL F 128 36.16 -34.74 -8.02
C VAL F 128 36.61 -33.29 -7.87
N ALA F 129 37.18 -32.72 -8.93
CA ALA F 129 37.69 -31.36 -8.90
C ALA F 129 36.64 -30.36 -8.40
N CYS F 130 35.41 -30.50 -8.87
CA CYS F 130 34.32 -29.61 -8.47
C CYS F 130 33.80 -29.93 -7.07
N SER F 131 33.97 -31.16 -6.63
CA SER F 131 33.50 -31.56 -5.30
C SER F 131 34.41 -31.02 -4.21
N ALA F 132 35.70 -31.03 -4.47
CA ALA F 132 36.68 -30.53 -3.51
C ALA F 132 36.66 -29.00 -3.45
N CYS F 133 36.36 -28.38 -4.59
CA CYS F 133 36.31 -26.93 -4.68
C CYS F 133 35.12 -26.36 -3.90
N GLY F 134 33.93 -26.88 -4.18
CA GLY F 134 32.72 -26.45 -3.51
C GLY F 134 32.82 -26.59 -1.99
N LEU F 135 33.42 -27.69 -1.55
CA LEU F 135 33.60 -27.93 -0.13
C LEU F 135 34.53 -26.90 0.49
N SER F 136 35.64 -26.61 -0.19
CA SER F 136 36.61 -25.63 0.29
C SER F 136 36.00 -24.24 0.34
N LYS F 137 35.29 -23.88 -0.73
CA LYS F 137 34.60 -22.59 -0.80
C LYS F 137 33.67 -22.41 0.38
N ARG F 138 32.73 -23.35 0.54
CA ARG F 138 31.70 -23.25 1.57
C ARG F 138 32.29 -23.15 2.97
N TYR F 139 33.34 -23.93 3.24
CA TYR F 139 33.95 -23.93 4.56
C TYR F 139 34.68 -22.62 4.87
N ILE F 140 35.47 -22.15 3.92
CA ILE F 140 36.30 -20.96 4.12
C ILE F 140 35.42 -19.71 4.24
N ILE F 141 34.49 -19.57 3.31
CA ILE F 141 33.52 -18.48 3.34
C ILE F 141 32.82 -18.40 4.69
N ASN F 142 32.38 -19.54 5.21
CA ASN F 142 31.76 -19.55 6.52
C ASN F 142 32.74 -19.22 7.64
N GLN F 143 33.97 -19.73 7.52
CA GLN F 143 35.00 -19.50 8.53
C GLN F 143 35.36 -18.02 8.64
N VAL F 144 35.54 -17.38 7.49
CA VAL F 144 35.87 -15.96 7.45
C VAL F 144 34.74 -15.15 8.11
N ALA F 145 33.50 -15.46 7.74
CA ALA F 145 32.34 -14.78 8.27
C ALA F 145 32.23 -14.93 9.78
N VAL F 146 32.41 -16.16 10.27
CA VAL F 146 32.30 -16.43 11.70
C VAL F 146 33.42 -15.75 12.49
N GLU F 147 34.66 -15.87 12.01
CA GLU F 147 35.80 -15.28 12.68
C GLU F 147 35.72 -13.75 12.72
N GLU F 148 35.34 -13.15 11.60
CA GLU F 148 35.31 -11.69 11.47
C GLU F 148 33.99 -11.07 11.95
N GLY F 149 33.08 -11.91 12.44
CA GLY F 149 31.87 -11.42 13.08
C GLY F 149 30.69 -11.08 12.19
N PHE F 150 30.70 -11.56 10.95
CA PHE F 150 29.55 -11.41 10.06
C PHE F 150 28.44 -12.39 10.44
N ARG F 151 27.22 -11.87 10.61
CA ARG F 151 26.07 -12.72 10.88
C ARG F 151 25.60 -13.45 9.63
N VAL F 152 25.85 -12.84 8.48
CA VAL F 152 25.25 -13.31 7.24
C VAL F 152 26.25 -13.24 6.08
N VAL F 153 26.09 -14.15 5.13
CA VAL F 153 26.89 -14.19 3.91
C VAL F 153 25.98 -14.12 2.68
N ALA F 154 26.39 -13.36 1.66
CA ALA F 154 25.61 -13.26 0.43
C ALA F 154 26.36 -13.81 -0.77
N THR F 155 25.65 -14.55 -1.62
CA THR F 155 26.22 -15.06 -2.85
C THR F 155 25.37 -14.65 -4.05
N GLY F 156 25.95 -14.67 -5.23
CA GLY F 156 25.30 -14.15 -6.41
C GLY F 156 24.48 -15.14 -7.22
N HIS F 157 24.04 -16.22 -6.60
CA HIS F 157 23.19 -17.19 -7.28
C HIS F 157 21.91 -16.53 -7.78
N ASN F 158 21.63 -16.73 -9.07
CA ASN F 158 20.46 -16.13 -9.70
C ASN F 158 19.34 -17.14 -9.92
N LEU F 159 18.28 -16.70 -10.59
CA LEU F 159 17.12 -17.54 -10.84
C LEU F 159 17.46 -18.81 -11.62
N ASP F 160 18.27 -18.66 -12.67
CA ASP F 160 18.66 -19.80 -13.48
C ASP F 160 19.46 -20.81 -12.65
N ASP F 161 20.28 -20.32 -11.74
CA ASP F 161 21.06 -21.18 -10.86
C ASP F 161 20.16 -21.98 -9.93
N GLU F 162 19.21 -21.31 -9.29
CA GLU F 162 18.35 -21.95 -8.30
C GLU F 162 17.27 -22.82 -8.92
N ALA F 163 16.86 -22.48 -10.14
CA ALA F 163 15.84 -23.27 -10.84
C ALA F 163 16.46 -24.55 -11.41
N ALA F 164 17.72 -24.47 -11.82
CA ALA F 164 18.43 -25.64 -12.35
C ALA F 164 18.77 -26.62 -11.23
N VAL F 165 19.17 -26.08 -10.08
CA VAL F 165 19.44 -26.90 -8.91
C VAL F 165 18.17 -27.64 -8.47
N LEU F 166 17.05 -26.92 -8.44
CA LEU F 166 15.77 -27.51 -8.10
C LEU F 166 15.36 -28.58 -9.10
N PHE F 167 15.46 -28.25 -10.38
CA PHE F 167 15.16 -29.19 -11.45
C PHE F 167 16.02 -30.44 -11.34
N GLY F 168 17.32 -30.23 -11.09
CA GLY F 168 18.26 -31.32 -10.92
C GLY F 168 17.89 -32.22 -9.76
N ASN F 169 17.44 -31.62 -8.67
CA ASN F 169 17.02 -32.37 -7.50
C ASN F 169 15.75 -33.19 -7.76
N LEU F 170 14.91 -32.71 -8.67
CA LEU F 170 13.67 -33.40 -9.03
C LEU F 170 13.92 -34.55 -10.00
N LEU F 171 14.92 -34.38 -10.85
CA LEU F 171 15.30 -35.42 -11.81
C LEU F 171 16.08 -36.53 -11.10
N ASN F 172 16.78 -36.15 -10.03
CA ASN F 172 17.52 -37.09 -9.21
C ASN F 172 17.14 -36.95 -7.73
N PRO F 173 15.93 -37.40 -7.37
CA PRO F 173 15.33 -37.21 -6.04
C PRO F 173 16.24 -37.68 -4.90
N GLN F 174 16.86 -38.83 -5.09
CA GLN F 174 17.77 -39.39 -4.10
C GLN F 174 19.16 -38.76 -4.18
N GLU F 175 19.89 -38.78 -3.06
CA GLU F 175 19.34 -39.16 -1.76
C GLU F 175 18.62 -37.99 -1.11
N GLU F 176 19.28 -36.85 -1.12
CA GLU F 176 18.89 -35.65 -0.40
C GLU F 176 19.47 -34.49 -1.16
N THR F 177 18.82 -33.32 -1.17
CA THR F 177 17.52 -33.09 -0.53
C THR F 177 16.73 -31.95 -1.23
N LEU F 178 15.41 -32.00 -1.22
CA LEU F 178 14.61 -30.88 -1.75
C LEU F 178 14.47 -29.75 -0.75
N SER F 179 14.48 -30.04 0.55
CA SER F 179 14.19 -29.03 1.56
C SER F 179 15.36 -28.12 1.97
N ARG F 180 16.61 -28.56 1.75
CA ARG F 180 17.78 -27.71 2.06
C ARG F 180 17.89 -26.52 1.10
N GLN F 181 17.25 -26.61 -0.07
CA GLN F 181 17.33 -25.52 -1.05
C GLN F 181 16.38 -24.36 -0.73
N GLY F 182 16.92 -23.14 -0.77
CA GLY F 182 16.13 -21.94 -0.56
C GLY F 182 16.98 -20.69 -0.63
N PRO F 183 16.34 -19.54 -0.86
CA PRO F 183 17.04 -18.25 -0.98
C PRO F 183 17.64 -17.76 0.34
N VAL F 184 17.08 -18.22 1.46
CA VAL F 184 17.59 -17.84 2.78
C VAL F 184 17.77 -19.05 3.71
N LEU F 185 19.00 -19.31 4.12
CA LEU F 185 19.30 -20.35 5.08
C LEU F 185 19.64 -19.74 6.44
N PRO F 186 18.91 -20.16 7.50
CA PRO F 186 19.01 -19.56 8.83
C PRO F 186 20.38 -19.70 9.48
N GLU F 187 20.70 -18.77 10.36
CA GLU F 187 21.95 -18.79 11.11
C GLU F 187 21.93 -19.85 12.21
N LYS F 188 23.07 -20.49 12.43
CA LYS F 188 23.23 -21.47 13.49
C LYS F 188 24.56 -21.22 14.19
N PRO F 189 24.73 -21.76 15.41
CA PRO F 189 26.04 -21.59 16.06
C PRO F 189 27.17 -22.14 15.19
N GLY F 190 28.20 -21.32 14.96
CA GLY F 190 29.29 -21.69 14.07
C GLY F 190 28.93 -21.61 12.60
N LEU F 191 27.68 -21.26 12.29
CA LEU F 191 27.24 -21.22 10.91
C LEU F 191 26.55 -19.90 10.57
N ALA F 192 27.18 -19.11 9.71
CA ALA F 192 26.59 -17.83 9.31
C ALA F 192 25.37 -18.08 8.44
N ALA F 193 24.39 -17.18 8.53
CA ALA F 193 23.24 -17.23 7.65
C ALA F 193 23.69 -17.06 6.21
N ARG F 194 22.95 -17.65 5.28
CA ARG F 194 23.27 -17.57 3.86
C ARG F 194 22.08 -17.08 3.04
N VAL F 195 22.28 -16.02 2.27
CA VAL F 195 21.19 -15.41 1.50
C VAL F 195 21.53 -15.23 0.03
N LYS F 196 20.50 -15.24 -0.82
CA LYS F 196 20.68 -15.10 -2.25
C LYS F 196 19.74 -14.03 -2.83
N PRO F 197 20.13 -12.75 -2.70
CA PRO F 197 19.30 -11.62 -3.13
C PRO F 197 18.94 -11.62 -4.61
N PHE F 198 19.74 -12.29 -5.44
CA PHE F 198 19.53 -12.31 -6.88
C PHE F 198 18.68 -13.48 -7.39
N TYR F 199 18.14 -14.28 -6.47
CA TYR F 199 17.47 -15.52 -6.87
C TYR F 199 16.21 -15.30 -7.71
N ARG F 200 15.68 -14.08 -7.70
CA ARG F 200 14.52 -13.73 -8.53
C ARG F 200 14.94 -13.31 -9.94
N PHE F 201 16.22 -13.03 -10.12
CA PHE F 201 16.73 -12.47 -11.37
C PHE F 201 17.28 -13.53 -12.32
N SER F 202 16.83 -13.50 -13.57
CA SER F 202 17.39 -14.37 -14.59
C SER F 202 18.81 -13.93 -14.92
N GLU F 203 19.61 -14.84 -15.49
CA GLU F 203 20.99 -14.52 -15.83
C GLU F 203 21.06 -13.39 -16.85
N ARG F 204 20.03 -13.32 -17.70
CA ARG F 204 19.94 -12.27 -18.72
C ARG F 204 19.81 -10.91 -18.05
N GLU F 205 18.98 -10.86 -17.01
CA GLU F 205 18.72 -9.62 -16.28
C GLU F 205 19.96 -9.14 -15.54
N VAL F 206 20.65 -10.06 -14.87
CA VAL F 206 21.85 -9.71 -14.11
C VAL F 206 22.97 -9.21 -15.02
N LEU F 207 23.13 -9.88 -16.16
CA LEU F 207 24.14 -9.48 -17.14
C LEU F 207 23.83 -8.09 -17.70
N SER F 208 22.54 -7.82 -17.90
CA SER F 208 22.12 -6.51 -18.39
C SER F 208 22.52 -5.42 -17.40
N TYR F 209 22.28 -5.67 -16.12
CA TYR F 209 22.64 -4.72 -15.08
C TYR F 209 24.15 -4.45 -15.07
N THR F 210 24.92 -5.53 -15.23
CA THR F 210 26.37 -5.43 -15.15
C THR F 210 26.95 -4.59 -16.29
N LEU F 211 26.36 -4.73 -17.47
CA LEU F 211 26.83 -4.01 -18.66
C LEU F 211 26.46 -2.53 -18.59
N LEU F 212 25.23 -2.24 -18.21
CA LEU F 212 24.75 -0.87 -18.10
C LEU F 212 25.49 -0.09 -17.01
N ARG F 213 25.93 -0.79 -15.98
CA ARG F 213 26.68 -0.17 -14.90
C ARG F 213 28.14 0.04 -15.29
N GLY F 214 28.57 -0.65 -16.34
CA GLY F 214 29.95 -0.57 -16.79
C GLY F 214 30.90 -1.29 -15.86
N ILE F 215 30.43 -2.38 -15.27
CA ILE F 215 31.25 -3.19 -14.38
C ILE F 215 32.14 -4.12 -15.20
N ARG F 216 33.43 -4.14 -14.89
CA ARG F 216 34.36 -5.03 -15.57
C ARG F 216 34.46 -6.35 -14.84
N TYR F 217 33.99 -7.42 -15.49
CA TYR F 217 33.97 -8.74 -14.87
C TYR F 217 34.78 -9.74 -15.68
N LEU F 218 34.86 -10.97 -15.18
CA LEU F 218 35.59 -12.02 -15.87
C LEU F 218 34.66 -12.77 -16.82
N HIS F 219 34.98 -12.73 -18.11
CA HIS F 219 34.14 -13.33 -19.12
C HIS F 219 34.28 -14.85 -19.16
N GLU F 220 35.52 -15.33 -19.09
CA GLU F 220 35.79 -16.76 -19.25
C GLU F 220 35.26 -17.59 -18.08
N GLU F 221 34.64 -18.71 -18.42
CA GLU F 221 34.20 -19.68 -17.42
C GLU F 221 35.37 -20.52 -16.93
N CYS F 222 35.22 -21.12 -15.75
CA CYS F 222 36.21 -22.03 -15.22
C CYS F 222 36.36 -23.24 -16.14
N PRO F 223 37.59 -23.73 -16.31
CA PRO F 223 37.87 -24.91 -17.15
C PRO F 223 37.04 -26.14 -16.76
N ASN F 224 36.70 -26.27 -15.48
CA ASN F 224 35.98 -27.43 -15.00
C ASN F 224 34.47 -27.33 -15.15
N ALA F 225 34.01 -26.16 -15.58
CA ALA F 225 32.58 -25.91 -15.69
C ALA F 225 31.95 -26.58 -16.91
N LYS F 226 32.76 -26.84 -17.94
CA LYS F 226 32.25 -27.44 -19.16
C LYS F 226 31.85 -28.89 -18.94
N GLY F 227 30.63 -29.24 -19.37
CA GLY F 227 30.11 -30.57 -19.21
C GLY F 227 29.27 -30.72 -17.95
N ALA F 228 29.06 -29.63 -17.25
CA ALA F 228 28.26 -29.65 -16.02
C ALA F 228 26.80 -29.97 -16.31
N LYS F 229 26.19 -30.72 -15.41
CA LYS F 229 24.79 -31.11 -15.56
C LYS F 229 23.86 -29.92 -15.38
N SER F 230 24.32 -28.90 -14.66
CA SER F 230 23.53 -27.69 -14.46
C SER F 230 23.30 -26.98 -15.79
N LEU F 231 24.26 -27.09 -16.69
CA LEU F 231 24.14 -26.55 -18.03
C LEU F 231 22.99 -27.21 -18.78
N LEU F 232 22.83 -28.51 -18.59
CA LEU F 232 21.75 -29.26 -19.22
C LEU F 232 20.39 -28.85 -18.66
N TYR F 233 20.33 -28.69 -17.33
CA TYR F 233 19.10 -28.28 -16.66
C TYR F 233 18.69 -26.88 -17.08
N LYS F 234 19.66 -25.96 -17.13
CA LYS F 234 19.41 -24.58 -17.55
C LYS F 234 18.93 -24.52 -19.00
N GLU F 235 19.57 -25.31 -19.86
CA GLU F 235 19.19 -25.37 -21.27
C GLU F 235 17.75 -25.80 -21.43
N ALA F 236 17.36 -26.82 -20.67
CA ALA F 236 16.00 -27.32 -20.72
C ALA F 236 15.01 -26.30 -20.16
N LEU F 237 15.36 -25.69 -19.04
CA LEU F 237 14.49 -24.68 -18.43
C LEU F 237 14.38 -23.42 -19.28
N ASN F 238 15.47 -23.03 -19.93
CA ASN F 238 15.47 -21.84 -20.77
C ASN F 238 14.77 -22.09 -22.10
N LEU F 239 14.69 -23.36 -22.48
CA LEU F 239 13.93 -23.76 -23.66
C LEU F 239 12.45 -23.47 -23.43
N VAL F 240 11.98 -23.79 -22.23
CA VAL F 240 10.60 -23.54 -21.83
C VAL F 240 10.35 -22.05 -21.62
N GLU F 241 11.31 -21.40 -20.97
CA GLU F 241 11.22 -19.97 -20.65
C GLU F 241 11.05 -19.13 -21.92
N ARG F 242 11.72 -19.54 -22.98
CA ARG F 242 11.63 -18.86 -24.28
C ARG F 242 10.20 -18.82 -24.80
N SER F 243 9.55 -19.98 -24.86
CA SER F 243 8.18 -20.07 -25.35
C SER F 243 7.14 -19.71 -24.28
N MET F 244 7.56 -19.78 -23.02
CA MET F 244 6.67 -19.47 -21.90
C MET F 244 7.32 -18.50 -20.91
N PRO F 245 7.15 -17.19 -21.12
CA PRO F 245 7.76 -16.15 -20.29
C PRO F 245 7.38 -16.24 -18.82
N GLY F 246 8.39 -16.20 -17.95
CA GLY F 246 8.16 -16.22 -16.51
C GLY F 246 8.00 -17.62 -15.93
N ALA F 247 8.27 -18.64 -16.74
CA ALA F 247 8.12 -20.02 -16.30
C ALA F 247 9.09 -20.36 -15.17
N LYS F 248 10.36 -20.01 -15.36
CA LYS F 248 11.39 -20.28 -14.36
C LYS F 248 11.01 -19.73 -12.99
N LEU F 249 10.49 -18.51 -12.97
CA LEU F 249 10.13 -17.85 -11.73
C LEU F 249 8.92 -18.53 -11.07
N ARG F 250 7.92 -18.86 -11.87
CA ARG F 250 6.74 -19.57 -11.35
C ARG F 250 7.13 -20.95 -10.86
N PHE F 251 8.14 -21.53 -11.50
CA PHE F 251 8.63 -22.86 -11.15
C PHE F 251 9.28 -22.85 -9.76
N LEU F 252 10.22 -21.92 -9.57
CA LEU F 252 10.95 -21.85 -8.31
C LEU F 252 10.06 -21.35 -7.17
N ASP F 253 9.24 -20.34 -7.43
CA ASP F 253 8.36 -19.78 -6.42
C ASP F 253 7.27 -20.76 -6.00
N GLY F 254 6.71 -21.46 -6.97
CA GLY F 254 5.69 -22.46 -6.69
C GLY F 254 6.21 -23.56 -5.79
N PHE F 255 7.48 -23.93 -5.99
CA PHE F 255 8.12 -24.92 -5.13
C PHE F 255 8.32 -24.41 -3.71
N LEU F 256 8.85 -23.20 -3.58
CA LEU F 256 9.19 -22.64 -2.27
C LEU F 256 7.94 -22.36 -1.43
N GLU F 257 6.88 -21.89 -2.07
CA GLU F 257 5.65 -21.54 -1.38
C GLU F 257 4.76 -22.74 -1.05
N LYS F 258 4.68 -23.69 -1.98
CA LYS F 258 3.77 -24.82 -1.82
C LYS F 258 4.47 -26.11 -1.39
N ILE F 259 5.35 -26.60 -2.25
CA ILE F 259 5.95 -27.92 -2.08
C ILE F 259 6.92 -28.05 -0.90
N ARG F 260 7.90 -27.16 -0.82
CA ARG F 260 8.96 -27.25 0.18
C ARG F 260 8.48 -27.32 1.64
N PRO F 261 7.48 -26.50 2.03
CA PRO F 261 7.03 -26.64 3.42
C PRO F 261 6.36 -27.99 3.71
N ARG F 262 5.85 -28.66 2.68
CA ARG F 262 5.23 -29.97 2.85
C ARG F 262 6.22 -31.09 2.54
N VAL F 269 17.13 -33.47 14.18
CA VAL F 269 18.54 -33.74 14.42
C VAL F 269 19.29 -32.44 14.70
N ALA F 270 20.23 -32.49 15.64
CA ALA F 270 21.00 -31.30 16.01
C ALA F 270 22.42 -31.37 15.45
N LEU F 271 22.97 -30.20 15.10
CA LEU F 271 24.28 -30.12 14.46
C LEU F 271 25.41 -30.36 15.45
N ARG F 272 26.32 -31.26 15.09
CA ARG F 272 27.46 -31.61 15.93
C ARG F 272 28.59 -30.59 15.79
N GLU F 273 29.43 -30.50 16.82
CA GLU F 273 30.60 -29.64 16.79
C GLU F 273 31.86 -30.46 16.45
N CYS F 274 32.60 -30.02 15.44
CA CYS F 274 33.76 -30.76 14.94
C CYS F 274 34.85 -30.93 16.00
N GLU F 275 35.41 -32.13 16.09
CA GLU F 275 36.45 -32.44 17.06
C GLU F 275 37.78 -31.78 16.71
N ARG F 276 37.94 -31.42 15.45
CA ARG F 276 39.17 -30.76 14.98
C ARG F 276 39.04 -29.24 15.03
N CYS F 277 38.23 -28.68 14.14
CA CYS F 277 38.12 -27.22 14.02
C CYS F 277 36.94 -26.58 14.76
N GLY F 278 36.08 -27.40 15.35
CA GLY F 278 34.96 -26.87 16.11
C GLY F 278 33.79 -26.31 15.31
N TYR F 279 33.85 -26.41 13.99
CA TYR F 279 32.77 -25.92 13.14
C TYR F 279 31.68 -26.98 12.93
N PRO F 280 30.43 -26.54 12.63
CA PRO F 280 29.28 -27.44 12.50
C PRO F 280 29.50 -28.62 11.56
N THR F 281 29.01 -29.80 11.96
CA THR F 281 29.12 -31.01 11.14
C THR F 281 28.08 -32.04 11.57
N THR F 282 27.78 -33.00 10.69
CA THR F 282 26.90 -34.10 11.05
C THR F 282 27.68 -35.28 11.63
N GLY F 283 28.99 -35.25 11.45
CA GLY F 283 29.85 -36.33 11.93
C GLY F 283 30.66 -35.92 13.14
N ALA F 284 31.67 -36.73 13.46
CA ALA F 284 32.60 -36.39 14.54
C ALA F 284 33.61 -35.37 14.05
N VAL F 285 34.12 -35.60 12.84
CA VAL F 285 35.04 -34.69 12.18
C VAL F 285 34.41 -34.22 10.87
N CYS F 286 34.38 -32.91 10.64
CA CYS F 286 33.67 -32.33 9.50
C CYS F 286 34.32 -32.72 8.18
N ALA F 287 33.55 -32.64 7.10
CA ALA F 287 34.00 -33.07 5.77
C ALA F 287 35.24 -32.32 5.29
N PHE F 288 35.39 -31.07 5.70
CA PHE F 288 36.52 -30.25 5.31
C PHE F 288 37.81 -30.74 5.95
N CYS F 289 37.74 -31.03 7.24
CA CYS F 289 38.90 -31.53 7.97
C CYS F 289 39.24 -32.96 7.57
N ARG F 290 38.22 -33.78 7.30
CA ARG F 290 38.47 -35.15 6.84
C ARG F 290 39.19 -35.15 5.49
N MET F 291 38.84 -34.19 4.64
CA MET F 291 39.44 -34.11 3.32
C MET F 291 40.93 -33.82 3.39
N TRP F 292 41.31 -32.85 4.21
CA TRP F 292 42.71 -32.46 4.32
C TRP F 292 43.54 -33.50 5.06
N ASP F 293 42.87 -34.36 5.83
CA ASP F 293 43.55 -35.51 6.43
C ASP F 293 43.93 -36.50 5.36
N ALA F 294 42.97 -36.83 4.49
CA ALA F 294 43.20 -37.74 3.38
C ALA F 294 44.18 -37.16 2.37
N VAL F 295 44.18 -35.84 2.24
CA VAL F 295 45.11 -35.18 1.32
C VAL F 295 46.54 -35.26 1.84
N TYR F 296 46.73 -34.93 3.11
CA TYR F 296 48.07 -34.98 3.72
C TYR F 296 48.59 -36.40 3.80
N ARG F 297 47.70 -37.33 4.15
CA ARG F 297 48.06 -38.75 4.21
C ARG F 297 48.55 -39.26 2.87
N ARG F 298 47.85 -38.87 1.79
CA ARG F 298 48.17 -39.32 0.45
C ARG F 298 49.34 -38.52 -0.15
N ALA F 299 49.55 -37.31 0.34
CA ALA F 299 50.63 -36.47 -0.16
C ALA F 299 51.98 -36.93 0.37
N LYS F 300 51.96 -37.59 1.52
CA LYS F 300 53.17 -38.14 2.12
C LYS F 300 53.65 -39.36 1.34
N LYS F 301 52.70 -40.08 0.73
CA LYS F 301 53.03 -41.21 -0.12
C LYS F 301 53.77 -40.76 -1.38
N ARG F 302 53.31 -39.66 -1.95
CA ARG F 302 53.88 -39.13 -3.18
C ARG F 302 55.02 -38.15 -2.91
N LYS F 303 55.37 -38.02 -1.63
CA LYS F 303 56.45 -37.14 -1.18
C LYS F 303 56.19 -35.66 -1.50
N LEU F 304 54.92 -35.30 -1.63
CA LEU F 304 54.55 -33.91 -1.86
C LEU F 304 54.54 -33.14 -0.55
N LEU F 305 54.45 -33.86 0.55
CA LEU F 305 54.44 -33.26 1.88
C LEU F 305 55.29 -34.09 2.84
N PRO F 306 56.01 -33.42 3.75
CA PRO F 306 56.79 -34.12 4.79
C PRO F 306 55.95 -35.07 5.63
N GLU F 307 56.57 -36.13 6.14
CA GLU F 307 55.86 -37.17 6.85
C GLU F 307 55.42 -36.75 8.26
N GLU F 308 56.15 -35.80 8.84
CA GLU F 308 55.92 -35.42 10.23
C GLU F 308 54.98 -34.23 10.38
N VAL F 309 54.46 -33.74 9.25
CA VAL F 309 53.54 -32.60 9.26
C VAL F 309 52.09 -33.06 9.40
N SER F 310 51.37 -32.46 10.34
CA SER F 310 49.98 -32.79 10.57
C SER F 310 49.07 -31.61 10.25
N PHE F 311 47.81 -31.90 9.93
CA PHE F 311 46.85 -30.85 9.60
C PHE F 311 46.32 -30.18 10.87
N ARG F 312 46.52 -28.87 10.96
CA ARG F 312 46.12 -28.11 12.13
C ARG F 312 45.30 -26.88 11.71
N PRO F 313 43.98 -27.07 11.55
CA PRO F 313 43.09 -26.00 11.09
C PRO F 313 42.83 -24.96 12.17
N ARG F 314 42.37 -23.77 11.75
CA ARG F 314 42.05 -22.71 12.69
C ARG F 314 40.70 -23.00 13.35
N VAL F 315 40.71 -23.09 14.68
CA VAL F 315 39.51 -23.48 15.42
C VAL F 315 38.51 -22.33 15.54
N LYS F 316 37.25 -22.68 15.76
CA LYS F 316 36.19 -21.68 15.93
C LYS F 316 36.35 -20.92 17.24
N PRO F 317 36.51 -19.59 17.16
CA PRO F 317 36.66 -18.74 18.35
C PRO F 317 35.44 -18.81 19.26
N LEU F 318 35.62 -18.49 20.53
CA LEU F 318 34.52 -18.54 21.50
C LEU F 318 34.68 -17.46 22.56
#